data_5HK2
#
_entry.id   5HK2
#
_cell.length_a   85.700
_cell.length_b   126.800
_cell.length_c   110.800
_cell.angle_alpha   90.00
_cell.angle_beta   90.00
_cell.angle_gamma   90.00
#
_symmetry.space_group_name_H-M   'P 21 21 2'
#
loop_
_entity.id
_entity.type
_entity.pdbx_description
1 polymer 'Sigma non-opioid intracellular receptor 1'
2 non-polymer N-(1-benzylpiperidin-4-yl)-4-iodobenzamide
3 non-polymer 'SULFATE ION'
4 non-polymer '(2R)-2,3-dihydroxypropyl (9Z)-octadec-9-enoate'
#
_entity_poly.entity_id   1
_entity_poly.type   'polypeptide(L)'
_entity_poly.pdbx_seq_one_letter_code
;GPGSMQWAVGRRWAWAALLLAVAAVLTQVVWLWLGTQSFVFQREEIAQLARQYAGLDHELAFSRLIVELRRLHPGHVLPD
EELQWVFVNAGGWMGAMCLLHASLSEYVLLFGTALGSRGHSGRYWAEISDTIISGTFHQWREGTTKSEVFYPGETVVHGP
GEATAVEWGPNTWMVEYGRGVIPSTLAFALADTVFSTQDFLTLFYTLRSYARGLRLELTTYLFGQDP
;
_entity_poly.pdbx_strand_id   A,B,C
#
loop_
_chem_comp.id
_chem_comp.type
_chem_comp.name
_chem_comp.formula
61V non-polymer N-(1-benzylpiperidin-4-yl)-4-iodobenzamide 'C19 H21 I N2 O'
OLC non-polymer '(2R)-2,3-dihydroxypropyl (9Z)-octadec-9-enoate' 'C21 H40 O4'
SO4 non-polymer 'SULFATE ION' 'O4 S -2'
#
# COMPACT_ATOMS: atom_id res chain seq x y z
N GLN A 6 -36.59 55.88 -41.58
CA GLN A 6 -35.97 57.04 -40.96
C GLN A 6 -35.46 56.72 -39.56
N TRP A 7 -36.39 56.59 -38.62
CA TRP A 7 -36.05 56.27 -37.24
C TRP A 7 -36.44 54.83 -36.94
N ALA A 8 -36.97 54.15 -37.95
CA ALA A 8 -37.56 52.83 -37.79
C ALA A 8 -36.52 51.71 -37.72
N VAL A 9 -36.98 50.55 -37.27
CA VAL A 9 -36.15 49.36 -37.21
C VAL A 9 -36.93 48.18 -37.79
N GLY A 10 -36.30 47.43 -38.69
CA GLY A 10 -36.91 46.24 -39.25
C GLY A 10 -37.12 45.22 -38.15
N ARG A 11 -38.34 44.68 -38.06
CA ARG A 11 -38.67 43.71 -37.03
C ARG A 11 -37.90 42.40 -37.21
N ARG A 12 -37.39 42.17 -38.43
CA ARG A 12 -36.60 40.97 -38.70
C ARG A 12 -35.17 41.13 -38.19
N TRP A 13 -34.62 42.32 -38.38
CA TRP A 13 -33.26 42.62 -37.92
C TRP A 13 -33.23 42.66 -36.40
N ALA A 14 -34.29 43.21 -35.82
CA ALA A 14 -34.40 43.38 -34.37
C ALA A 14 -34.47 42.06 -33.64
N TRP A 15 -35.11 41.08 -34.27
CA TRP A 15 -35.21 39.74 -33.72
C TRP A 15 -33.84 39.07 -33.62
N ALA A 16 -32.99 39.31 -34.62
CA ALA A 16 -31.65 38.72 -34.61
C ALA A 16 -30.72 39.49 -33.67
N ALA A 17 -31.01 40.77 -33.47
CA ALA A 17 -30.19 41.62 -32.61
C ALA A 17 -30.30 41.17 -31.16
N LEU A 18 -31.51 40.83 -30.74
CA LEU A 18 -31.75 40.34 -29.39
C LEU A 18 -31.10 38.97 -29.15
N LEU A 19 -31.02 38.18 -30.21
CA LEU A 19 -30.41 36.86 -30.10
C LEU A 19 -28.89 36.97 -29.99
N LEU A 20 -28.33 37.96 -30.68
CA LEU A 20 -26.92 38.29 -30.51
C LEU A 20 -26.70 38.95 -29.16
N ALA A 21 -27.73 39.64 -28.67
CA ALA A 21 -27.65 40.28 -27.36
C ALA A 21 -27.62 39.25 -26.24
N VAL A 22 -28.58 38.34 -26.23
CA VAL A 22 -28.66 37.34 -25.15
C VAL A 22 -27.45 36.41 -25.17
N ALA A 23 -26.92 36.14 -26.36
CA ALA A 23 -25.69 35.37 -26.51
C ALA A 23 -24.52 36.11 -25.88
N ALA A 24 -24.50 37.43 -26.04
CA ALA A 24 -23.45 38.26 -25.47
C ALA A 24 -23.61 38.36 -23.96
N VAL A 25 -24.86 38.55 -23.50
CA VAL A 25 -25.13 38.66 -22.08
C VAL A 25 -24.90 37.33 -21.36
N LEU A 26 -25.38 36.25 -21.94
CA LEU A 26 -25.31 34.93 -21.30
C LEU A 26 -23.86 34.48 -21.12
N THR A 27 -23.05 34.64 -22.16
CA THR A 27 -21.63 34.28 -22.09
C THR A 27 -20.89 35.12 -21.05
N GLN A 28 -21.37 36.33 -20.82
CA GLN A 28 -20.80 37.18 -19.77
C GLN A 28 -21.29 36.75 -18.41
N VAL A 29 -22.54 36.32 -18.34
CA VAL A 29 -23.15 35.95 -17.06
C VAL A 29 -22.48 34.72 -16.45
N VAL A 30 -22.21 33.71 -17.27
CA VAL A 30 -21.64 32.46 -16.75
C VAL A 30 -20.22 32.65 -16.22
N TRP A 31 -19.49 33.63 -16.73
CA TRP A 31 -18.13 33.89 -16.26
C TRP A 31 -18.13 34.60 -14.91
N LEU A 32 -19.11 35.49 -14.72
CA LEU A 32 -19.24 36.21 -13.47
C LEU A 32 -19.62 35.27 -12.33
N TRP A 33 -20.52 34.33 -12.63
CA TRP A 33 -20.97 33.36 -11.64
C TRP A 33 -19.84 32.39 -11.28
N LEU A 34 -19.13 31.92 -12.29
CA LEU A 34 -17.99 31.03 -12.09
C LEU A 34 -16.89 31.74 -11.31
N GLY A 35 -16.71 33.03 -11.59
CA GLY A 35 -15.71 33.83 -10.90
C GLY A 35 -16.01 34.05 -9.45
N THR A 36 -17.30 34.20 -9.12
CA THR A 36 -17.74 34.44 -7.74
C THR A 36 -17.11 33.46 -6.76
N GLN A 37 -17.08 32.18 -7.15
CA GLN A 37 -16.42 31.13 -6.38
C GLN A 37 -16.79 31.12 -4.90
N SER A 38 -18.08 31.16 -4.61
CA SER A 38 -18.55 31.16 -3.22
C SER A 38 -18.32 29.79 -2.58
N PHE A 39 -17.73 29.80 -1.38
CA PHE A 39 -17.49 28.57 -0.64
C PHE A 39 -18.29 28.57 0.66
N VAL A 40 -18.76 27.39 1.06
CA VAL A 40 -19.56 27.27 2.27
C VAL A 40 -18.70 27.47 3.52
N PHE A 41 -17.53 26.85 3.54
CA PHE A 41 -16.65 26.93 4.71
C PHE A 41 -15.40 27.75 4.39
N GLN A 42 -14.74 28.21 5.45
CA GLN A 42 -13.48 28.92 5.31
C GLN A 42 -12.33 28.03 5.76
N ARG A 43 -11.18 28.16 5.11
CA ARG A 43 -10.02 27.34 5.41
C ARG A 43 -9.55 27.54 6.84
N GLU A 44 -9.49 28.79 7.27
CA GLU A 44 -9.04 29.12 8.62
C GLU A 44 -10.12 28.89 9.66
N GLU A 45 -11.38 28.79 9.20
CA GLU A 45 -12.50 28.61 10.13
C GLU A 45 -12.55 27.21 10.70
N ILE A 46 -12.38 26.21 9.83
CA ILE A 46 -12.36 24.82 10.25
C ILE A 46 -11.15 24.54 11.15
N ALA A 47 -10.04 25.22 10.85
CA ALA A 47 -8.83 25.09 11.65
C ALA A 47 -9.00 25.73 13.02
N GLN A 48 -9.65 26.89 13.05
CA GLN A 48 -9.86 27.63 14.29
C GLN A 48 -10.90 26.93 15.17
N LEU A 49 -11.91 26.36 14.53
CA LEU A 49 -12.98 25.68 15.26
C LEU A 49 -12.48 24.36 15.87
N ALA A 50 -11.66 23.63 15.12
CA ALA A 50 -11.18 22.33 15.60
C ALA A 50 -10.10 22.49 16.68
N ARG A 51 -9.43 23.63 16.68
CA ARG A 51 -8.39 23.88 17.68
C ARG A 51 -8.98 23.92 19.10
N GLN A 52 -10.22 24.37 19.22
CA GLN A 52 -10.86 24.52 20.52
C GLN A 52 -11.09 23.18 21.23
N TYR A 53 -11.35 22.13 20.46
CA TYR A 53 -11.71 20.84 21.05
C TYR A 53 -10.53 19.88 21.18
N ALA A 54 -9.34 20.31 20.76
CA ALA A 54 -8.16 19.45 20.77
C ALA A 54 -7.78 19.01 22.18
N GLY A 55 -8.21 19.77 23.18
CA GLY A 55 -7.89 19.48 24.57
C GLY A 55 -8.67 18.29 25.13
N LEU A 56 -9.86 18.08 24.60
CA LEU A 56 -10.72 16.98 25.05
C LEU A 56 -10.27 15.65 24.47
N ASP A 57 -10.78 14.55 25.02
CA ASP A 57 -10.59 13.25 24.39
C ASP A 57 -11.37 13.26 23.09
N HIS A 58 -10.81 12.62 22.06
CA HIS A 58 -11.32 12.79 20.70
C HIS A 58 -12.79 12.39 20.54
N GLU A 59 -13.25 11.45 21.37
CA GLU A 59 -14.64 11.02 21.32
C GLU A 59 -15.59 12.16 21.69
N LEU A 60 -15.37 12.76 22.86
CA LEU A 60 -16.17 13.91 23.30
C LEU A 60 -15.98 15.11 22.38
N ALA A 61 -14.75 15.30 21.93
CA ALA A 61 -14.40 16.42 21.06
C ALA A 61 -15.14 16.37 19.73
N PHE A 62 -15.17 15.19 19.12
CA PHE A 62 -15.86 14.98 17.86
C PHE A 62 -17.35 15.25 17.99
N SER A 63 -17.97 14.69 19.02
CA SER A 63 -19.41 14.85 19.25
C SER A 63 -19.75 16.32 19.53
N ARG A 64 -18.91 17.01 20.29
CA ARG A 64 -19.12 18.42 20.57
C ARG A 64 -18.89 19.27 19.34
N LEU A 65 -17.90 18.89 18.54
CA LEU A 65 -17.57 19.65 17.33
C LEU A 65 -18.69 19.55 16.29
N ILE A 66 -19.25 18.35 16.14
CA ILE A 66 -20.33 18.12 15.18
C ILE A 66 -21.57 18.94 15.53
N VAL A 67 -21.88 19.01 16.82
CA VAL A 67 -23.02 19.79 17.29
C VAL A 67 -22.85 21.27 16.96
N GLU A 68 -21.65 21.78 17.18
CA GLU A 68 -21.33 23.18 16.89
C GLU A 68 -21.37 23.49 15.40
N LEU A 69 -20.96 22.53 14.57
CA LEU A 69 -20.86 22.75 13.13
C LEU A 69 -22.25 22.76 12.48
N ARG A 70 -23.20 22.10 13.14
CA ARG A 70 -24.56 22.03 12.65
C ARG A 70 -25.29 23.36 12.74
N ARG A 71 -25.18 24.01 13.90
CA ARG A 71 -25.87 25.28 14.13
C ARG A 71 -25.23 26.41 13.33
N LEU A 72 -23.93 26.31 13.06
CA LEU A 72 -23.25 27.31 12.27
C LEU A 72 -23.69 27.26 10.81
N HIS A 73 -23.75 26.04 10.26
CA HIS A 73 -24.15 25.86 8.87
C HIS A 73 -25.26 24.82 8.74
N PRO A 74 -26.49 25.22 9.09
CA PRO A 74 -27.62 24.28 8.98
C PRO A 74 -27.89 23.88 7.54
N GLY A 75 -28.10 22.59 7.31
CA GLY A 75 -28.41 22.09 5.98
C GLY A 75 -27.19 21.73 5.15
N HIS A 76 -26.00 21.87 5.74
CA HIS A 76 -24.78 21.55 5.02
C HIS A 76 -24.02 20.42 5.70
N VAL A 77 -24.64 19.86 6.74
CA VAL A 77 -24.04 18.76 7.48
C VAL A 77 -24.96 17.55 7.49
N LEU A 78 -24.37 16.36 7.33
CA LEU A 78 -25.16 15.13 7.29
C LEU A 78 -25.84 14.86 8.64
N PRO A 79 -27.07 14.36 8.60
CA PRO A 79 -27.82 14.02 9.81
C PRO A 79 -27.20 12.82 10.55
N ASP A 80 -27.64 12.57 11.78
CA ASP A 80 -27.08 11.49 12.59
C ASP A 80 -27.27 10.13 11.94
N GLU A 81 -28.41 9.94 11.28
CA GLU A 81 -28.75 8.67 10.67
C GLU A 81 -27.85 8.34 9.48
N GLU A 82 -27.11 9.34 9.01
CA GLU A 82 -26.24 9.13 7.85
C GLU A 82 -24.77 9.39 8.20
N LEU A 83 -24.47 9.44 9.49
CA LEU A 83 -23.07 9.51 9.94
C LEU A 83 -22.51 8.10 10.08
N GLN A 84 -21.31 7.88 9.56
CA GLN A 84 -20.74 6.53 9.52
C GLN A 84 -19.22 6.53 9.35
N TRP A 85 -18.53 5.79 10.21
CA TRP A 85 -17.11 5.56 10.05
C TRP A 85 -16.86 4.52 8.97
N VAL A 86 -16.02 4.87 7.99
CA VAL A 86 -15.61 3.91 6.98
C VAL A 86 -14.09 3.98 6.83
N PHE A 87 -13.46 2.83 6.67
CA PHE A 87 -12.01 2.74 6.53
C PHE A 87 -11.53 3.42 5.25
N VAL A 88 -10.31 3.94 5.27
CA VAL A 88 -9.71 4.55 4.10
C VAL A 88 -8.35 3.92 3.81
N ASN A 89 -8.21 3.32 2.63
CA ASN A 89 -6.94 2.73 2.24
C ASN A 89 -6.41 3.33 0.93
N ALA A 90 -5.35 4.12 1.05
CA ALA A 90 -4.75 4.78 -0.11
C ALA A 90 -3.29 5.15 0.14
N GLY A 91 -2.48 5.09 -0.91
CA GLY A 91 -1.08 5.45 -0.82
C GLY A 91 -0.26 4.54 0.08
N GLY A 92 -0.86 3.41 0.48
CA GLY A 92 -0.17 2.46 1.32
C GLY A 92 -0.36 2.68 2.80
N TRP A 93 -1.11 3.73 3.15
CA TRP A 93 -1.49 3.94 4.54
C TRP A 93 -2.97 3.57 4.72
N MET A 94 -3.41 3.48 5.97
CA MET A 94 -4.79 3.15 6.26
C MET A 94 -5.32 3.98 7.40
N GLY A 95 -6.54 4.47 7.24
CA GLY A 95 -7.20 5.25 8.28
C GLY A 95 -8.70 5.04 8.24
N ALA A 96 -9.43 5.98 8.83
CA ALA A 96 -10.89 5.93 8.85
C ALA A 96 -11.47 7.32 8.70
N MET A 97 -12.55 7.43 7.93
CA MET A 97 -13.19 8.73 7.72
C MET A 97 -14.62 8.76 8.26
N CYS A 98 -15.09 9.96 8.56
CA CYS A 98 -16.49 10.20 8.87
C CYS A 98 -16.93 11.45 8.13
N LEU A 99 -17.60 11.26 7.01
CA LEU A 99 -18.01 12.36 6.15
C LEU A 99 -19.07 13.24 6.81
N LEU A 100 -18.79 14.52 6.93
CA LEU A 100 -19.74 15.47 7.52
C LEU A 100 -20.35 16.36 6.45
N HIS A 101 -19.53 16.74 5.47
CA HIS A 101 -19.98 17.58 4.36
C HIS A 101 -19.32 17.15 3.06
N ALA A 102 -20.06 17.24 1.96
CA ALA A 102 -19.54 16.83 0.65
C ALA A 102 -20.28 17.47 -0.51
N SER A 103 -19.58 18.35 -1.23
CA SER A 103 -20.09 18.89 -2.48
C SER A 103 -19.14 18.52 -3.61
N LEU A 104 -19.30 19.15 -4.76
CA LEU A 104 -18.40 18.91 -5.89
C LEU A 104 -17.15 19.76 -5.79
N SER A 105 -17.10 20.63 -4.78
CA SER A 105 -15.97 21.55 -4.62
C SER A 105 -15.42 21.58 -3.19
N GLU A 106 -16.15 21.02 -2.25
CA GLU A 106 -15.73 21.04 -0.85
C GLU A 106 -16.01 19.73 -0.13
N TYR A 107 -15.29 19.50 0.96
CA TYR A 107 -15.64 18.44 1.90
C TYR A 107 -15.04 18.70 3.27
N VAL A 108 -15.77 18.28 4.31
CA VAL A 108 -15.27 18.30 5.68
C VAL A 108 -15.48 16.94 6.31
N LEU A 109 -14.41 16.33 6.82
CA LEU A 109 -14.54 15.01 7.41
C LEU A 109 -13.66 14.82 8.64
N LEU A 110 -14.00 13.82 9.45
CA LEU A 110 -13.16 13.41 10.56
C LEU A 110 -12.27 12.26 10.12
N PHE A 111 -10.98 12.37 10.38
CA PHE A 111 -10.04 11.35 9.95
C PHE A 111 -9.08 10.97 11.08
N GLY A 112 -8.58 9.73 11.05
CA GLY A 112 -7.64 9.29 12.05
C GLY A 112 -7.36 7.79 12.09
N THR A 113 -6.48 7.39 12.99
CA THR A 113 -6.07 6.00 13.16
C THR A 113 -5.89 5.65 14.63
N ALA A 114 -6.16 4.40 14.98
CA ALA A 114 -5.95 3.95 16.35
C ALA A 114 -4.64 3.17 16.47
N LEU A 115 -4.11 2.76 15.33
CA LEU A 115 -2.88 2.00 15.30
C LEU A 115 -1.73 2.82 14.71
N GLY A 116 -2.08 3.81 13.91
CA GLY A 116 -1.09 4.60 13.19
C GLY A 116 -0.77 3.97 11.85
N SER A 117 -0.28 4.79 10.92
CA SER A 117 0.02 4.29 9.58
C SER A 117 0.97 5.22 8.83
N ARG A 118 1.64 4.67 7.82
CA ARG A 118 2.57 5.42 6.97
C ARG A 118 2.28 5.16 5.49
N GLY A 119 2.58 6.13 4.64
CA GLY A 119 2.37 5.98 3.21
C GLY A 119 2.53 7.23 2.38
N HIS A 120 2.09 7.15 1.13
CA HIS A 120 2.19 8.25 0.18
C HIS A 120 1.01 9.21 0.33
N SER A 121 1.31 10.49 0.46
CA SER A 121 0.27 11.50 0.67
C SER A 121 -0.70 11.57 -0.52
N GLY A 122 -0.14 11.60 -1.73
CA GLY A 122 -0.93 11.65 -2.94
C GLY A 122 -0.90 13.02 -3.57
N ARG A 123 -1.19 13.11 -4.87
CA ARG A 123 -1.31 14.41 -5.53
C ARG A 123 -2.75 14.66 -5.95
N TYR A 124 -3.39 15.64 -5.32
CA TYR A 124 -4.80 15.94 -5.57
C TYR A 124 -4.98 17.19 -6.41
N TRP A 125 -6.11 17.30 -7.08
CA TRP A 125 -6.51 18.53 -7.74
C TRP A 125 -7.28 19.39 -6.73
N ALA A 126 -6.73 19.49 -5.53
CA ALA A 126 -7.39 20.18 -4.43
C ALA A 126 -6.40 20.60 -3.35
N GLU A 127 -6.87 21.44 -2.43
CA GLU A 127 -6.07 21.84 -1.28
C GLU A 127 -6.69 21.28 0.00
N ILE A 128 -5.91 20.50 0.74
CA ILE A 128 -6.41 19.79 1.91
C ILE A 128 -5.76 20.25 3.20
N SER A 129 -6.58 20.57 4.20
CA SER A 129 -6.09 21.05 5.48
C SER A 129 -6.45 20.09 6.61
N ASP A 130 -5.44 19.67 7.37
CA ASP A 130 -5.66 18.76 8.48
C ASP A 130 -5.26 19.42 9.80
N THR A 131 -6.18 19.41 10.76
CA THR A 131 -5.90 20.01 12.06
C THR A 131 -5.96 18.93 13.13
N ILE A 132 -4.84 18.70 13.81
CA ILE A 132 -4.72 17.59 14.74
C ILE A 132 -5.49 17.81 16.04
N ILE A 133 -6.37 16.86 16.36
CA ILE A 133 -7.10 16.86 17.63
C ILE A 133 -6.31 16.10 18.69
N SER A 134 -5.73 14.98 18.28
CA SER A 134 -4.90 14.17 19.17
C SER A 134 -3.88 13.38 18.36
N GLY A 135 -2.87 12.84 19.03
CA GLY A 135 -1.85 12.05 18.36
C GLY A 135 -0.77 12.90 17.70
N THR A 136 -0.18 12.38 16.63
CA THR A 136 0.89 13.08 15.93
C THR A 136 0.77 12.96 14.42
N PHE A 137 1.21 13.99 13.71
CA PHE A 137 1.23 13.99 12.26
C PHE A 137 2.65 14.32 11.77
N HIS A 138 3.28 13.34 11.12
CA HIS A 138 4.61 13.52 10.56
C HIS A 138 4.55 13.76 9.06
N GLN A 139 5.27 14.77 8.59
CA GLN A 139 5.29 15.09 7.17
C GLN A 139 6.72 15.15 6.63
N TRP A 140 6.92 14.50 5.49
CA TRP A 140 8.22 14.48 4.82
C TRP A 140 8.08 15.05 3.41
N ARG A 141 8.37 16.34 3.26
CA ARG A 141 8.17 17.03 1.98
C ARG A 141 9.12 16.51 0.90
N GLU A 142 8.62 16.47 -0.34
CA GLU A 142 9.39 15.98 -1.47
C GLU A 142 10.62 16.84 -1.73
N GLY A 143 11.76 16.18 -1.98
CA GLY A 143 13.00 16.88 -2.26
C GLY A 143 13.84 17.14 -1.02
N THR A 144 13.26 16.86 0.15
CA THR A 144 13.96 17.07 1.42
C THR A 144 14.44 15.76 2.01
N THR A 145 15.26 15.84 3.05
CA THR A 145 15.74 14.65 3.75
C THR A 145 15.43 14.76 5.24
N LYS A 146 14.57 15.71 5.58
CA LYS A 146 14.13 15.89 6.96
C LYS A 146 12.61 15.84 7.02
N SER A 147 12.08 15.47 8.18
CA SER A 147 10.63 15.47 8.37
C SER A 147 10.21 16.46 9.45
N GLU A 148 8.94 16.83 9.43
CA GLU A 148 8.38 17.71 10.45
C GLU A 148 7.28 16.97 11.20
N VAL A 149 7.00 17.41 12.43
CA VAL A 149 5.95 16.79 13.21
C VAL A 149 4.96 17.84 13.69
N PHE A 150 3.67 17.53 13.59
CA PHE A 150 2.60 18.44 14.00
C PHE A 150 1.81 17.85 15.16
N TYR A 151 1.59 18.66 16.19
CA TYR A 151 0.95 18.22 17.43
C TYR A 151 -0.47 18.78 17.54
N PRO A 152 -1.29 18.22 18.47
CA PRO A 152 -2.63 18.74 18.74
C PRO A 152 -2.70 20.26 18.83
N GLY A 153 -3.54 20.86 18.00
CA GLY A 153 -3.65 22.31 17.93
C GLY A 153 -3.04 22.86 16.66
N GLU A 154 -2.06 22.14 16.12
CA GLU A 154 -1.39 22.58 14.90
C GLU A 154 -2.16 22.12 13.66
N THR A 155 -1.92 22.81 12.56
CA THR A 155 -2.58 22.48 11.29
C THR A 155 -1.57 22.29 10.17
N VAL A 156 -1.65 21.14 9.51
CA VAL A 156 -0.83 20.89 8.33
C VAL A 156 -1.67 21.00 7.06
N VAL A 157 -1.28 21.92 6.18
CA VAL A 157 -1.98 22.10 4.90
C VAL A 157 -1.23 21.37 3.78
N HIS A 158 -1.99 20.76 2.87
CA HIS A 158 -1.40 20.01 1.78
C HIS A 158 -1.80 20.61 0.44
N GLY A 159 -0.90 21.40 -0.14
CA GLY A 159 -1.17 22.09 -1.39
C GLY A 159 -1.43 21.16 -2.56
N PRO A 160 -2.12 21.67 -3.58
CA PRO A 160 -2.44 20.90 -4.79
C PRO A 160 -1.19 20.58 -5.60
N GLY A 161 -1.13 19.35 -6.12
CA GLY A 161 0.00 18.94 -6.94
C GLY A 161 1.22 18.56 -6.12
N GLU A 162 1.14 18.82 -4.81
CA GLU A 162 2.24 18.49 -3.91
C GLU A 162 2.15 17.04 -3.46
N ALA A 163 3.29 16.37 -3.38
CA ALA A 163 3.36 15.00 -2.88
C ALA A 163 4.35 14.89 -1.72
N THR A 164 3.89 14.36 -0.59
CA THR A 164 4.75 14.18 0.56
C THR A 164 4.66 12.75 1.07
N ALA A 165 5.45 12.44 2.10
CA ALA A 165 5.32 11.17 2.80
C ALA A 165 4.71 11.46 4.17
N VAL A 166 3.69 10.69 4.54
CA VAL A 166 2.97 10.96 5.78
C VAL A 166 3.09 9.81 6.77
N GLU A 167 3.09 10.15 8.06
CA GLU A 167 3.06 9.16 9.12
C GLU A 167 2.19 9.62 10.28
N TRP A 168 1.27 8.75 10.69
CA TRP A 168 0.41 9.02 11.83
C TRP A 168 0.80 8.15 13.02
N GLY A 169 0.92 8.76 14.19
CA GLY A 169 1.22 8.04 15.40
C GLY A 169 -0.01 7.32 15.92
N PRO A 170 0.18 6.44 16.92
CA PRO A 170 -0.95 5.71 17.52
C PRO A 170 -1.98 6.66 18.11
N ASN A 171 -3.25 6.34 17.90
CA ASN A 171 -4.37 7.15 18.38
C ASN A 171 -4.23 8.62 17.98
N THR A 172 -4.20 8.86 16.67
CA THR A 172 -4.17 10.21 16.10
C THR A 172 -5.51 10.52 15.44
N TRP A 173 -6.06 11.70 15.72
CA TRP A 173 -7.34 12.09 15.16
C TRP A 173 -7.33 13.56 14.76
N MET A 174 -8.16 13.91 13.78
CA MET A 174 -8.13 15.25 13.21
C MET A 174 -9.43 15.63 12.51
N VAL A 175 -9.60 16.94 12.30
CA VAL A 175 -10.70 17.46 11.50
C VAL A 175 -10.12 17.93 10.18
N GLU A 176 -10.69 17.48 9.07
CA GLU A 176 -10.11 17.76 7.77
C GLU A 176 -11.04 18.53 6.86
N TYR A 177 -10.49 19.53 6.17
CA TYR A 177 -11.24 20.31 5.20
C TYR A 177 -10.55 20.27 3.84
N GLY A 178 -11.28 19.84 2.82
CA GLY A 178 -10.73 19.75 1.48
C GLY A 178 -11.43 20.71 0.53
N ARG A 179 -10.70 21.18 -0.48
CA ARG A 179 -11.24 22.15 -1.43
C ARG A 179 -10.64 22.02 -2.83
N GLY A 180 -11.47 21.61 -3.80
CA GLY A 180 -11.04 21.49 -5.18
C GLY A 180 -11.94 20.58 -5.99
N VAL A 181 -11.38 19.94 -7.01
CA VAL A 181 -12.13 18.99 -7.81
C VAL A 181 -12.31 17.68 -7.04
N ILE A 182 -13.30 17.67 -6.16
CA ILE A 182 -13.49 16.58 -5.20
C ILE A 182 -13.71 15.18 -5.82
N PRO A 183 -14.56 15.06 -6.87
CA PRO A 183 -14.72 13.71 -7.43
C PRO A 183 -13.43 13.08 -7.96
N SER A 184 -12.41 13.90 -8.20
CA SER A 184 -11.12 13.39 -8.65
C SER A 184 -10.30 12.92 -7.46
N THR A 185 -10.70 13.36 -6.26
CA THR A 185 -9.98 13.03 -5.04
C THR A 185 -10.26 11.60 -4.61
N LEU A 186 -11.48 11.12 -4.82
CA LEU A 186 -11.83 9.76 -4.44
C LEU A 186 -11.13 8.73 -5.33
N ALA A 187 -10.58 9.19 -6.45
CA ALA A 187 -9.86 8.31 -7.36
C ALA A 187 -8.61 7.74 -6.71
N PHE A 188 -7.93 8.58 -5.93
CA PHE A 188 -6.75 8.16 -5.18
C PHE A 188 -7.14 7.45 -3.89
N ALA A 189 -8.18 7.98 -3.23
CA ALA A 189 -8.62 7.48 -1.93
C ALA A 189 -9.13 6.04 -1.98
N LEU A 190 -9.39 5.54 -3.18
CA LEU A 190 -9.94 4.20 -3.33
C LEU A 190 -9.01 3.28 -4.12
N ALA A 191 -7.80 3.77 -4.39
CA ALA A 191 -6.83 3.01 -5.18
C ALA A 191 -6.41 1.71 -4.50
N ASP A 192 -5.95 1.81 -3.26
CA ASP A 192 -5.56 0.63 -2.49
C ASP A 192 -6.76 -0.22 -2.12
N THR A 193 -7.93 0.42 -2.00
CA THR A 193 -9.16 -0.30 -1.68
C THR A 193 -9.52 -1.25 -2.81
N VAL A 194 -9.18 -0.88 -4.03
CA VAL A 194 -9.46 -1.69 -5.20
C VAL A 194 -8.40 -2.78 -5.41
N PHE A 195 -7.13 -2.40 -5.33
CA PHE A 195 -6.04 -3.28 -5.73
C PHE A 195 -5.28 -3.96 -4.59
N SER A 196 -5.51 -3.53 -3.36
CA SER A 196 -4.75 -4.09 -2.24
C SER A 196 -5.64 -4.77 -1.20
N THR A 197 -6.76 -4.15 -0.86
CA THR A 197 -7.65 -4.69 0.15
C THR A 197 -8.85 -5.41 -0.46
N GLN A 198 -9.20 -5.04 -1.69
CA GLN A 198 -10.35 -5.59 -2.39
C GLN A 198 -11.64 -5.43 -1.58
N ASP A 199 -11.69 -4.39 -0.75
CA ASP A 199 -12.82 -4.19 0.16
C ASP A 199 -13.93 -3.38 -0.52
N PHE A 200 -14.78 -4.07 -1.27
CA PHE A 200 -15.79 -3.40 -2.07
C PHE A 200 -16.95 -2.88 -1.21
N LEU A 201 -17.14 -3.47 -0.04
CA LEU A 201 -18.17 -3.02 0.88
C LEU A 201 -17.82 -1.63 1.42
N THR A 202 -16.52 -1.42 1.65
CA THR A 202 -16.04 -0.10 2.05
C THR A 202 -16.20 0.86 0.87
N LEU A 203 -15.93 0.35 -0.33
CA LEU A 203 -16.08 1.13 -1.56
C LEU A 203 -17.50 1.64 -1.70
N PHE A 204 -18.46 0.76 -1.40
CA PHE A 204 -19.87 1.13 -1.42
C PHE A 204 -20.18 2.20 -0.38
N TYR A 205 -19.71 1.99 0.84
CA TYR A 205 -19.93 2.92 1.94
C TYR A 205 -19.47 4.33 1.58
N THR A 206 -18.26 4.42 1.03
CA THR A 206 -17.67 5.70 0.67
C THR A 206 -18.52 6.42 -0.39
N LEU A 207 -18.82 5.71 -1.48
CA LEU A 207 -19.61 6.29 -2.56
C LEU A 207 -21.02 6.66 -2.09
N ARG A 208 -21.59 5.84 -1.21
CA ARG A 208 -22.90 6.13 -0.66
C ARG A 208 -22.86 7.40 0.18
N SER A 209 -21.80 7.53 0.98
CA SER A 209 -21.64 8.71 1.84
C SER A 209 -21.50 9.97 1.00
N TYR A 210 -20.78 9.88 -0.11
CA TYR A 210 -20.63 11.01 -1.01
C TYR A 210 -21.97 11.35 -1.64
N ALA A 211 -22.70 10.32 -2.04
CA ALA A 211 -24.02 10.47 -2.67
C ALA A 211 -25.03 11.09 -1.71
N ARG A 212 -25.04 10.59 -0.48
CA ARG A 212 -25.93 11.13 0.55
C ARG A 212 -25.50 12.53 0.96
N GLY A 213 -24.21 12.81 0.78
CA GLY A 213 -23.68 14.14 1.02
C GLY A 213 -24.03 15.05 -0.13
N LEU A 214 -24.00 14.51 -1.34
CA LEU A 214 -24.35 15.27 -2.54
C LEU A 214 -25.85 15.52 -2.64
N ARG A 215 -26.64 14.54 -2.23
CA ARG A 215 -28.09 14.68 -2.21
C ARG A 215 -28.51 15.83 -1.28
N LEU A 216 -27.88 15.90 -0.11
CA LEU A 216 -28.18 16.93 0.86
C LEU A 216 -27.96 18.33 0.29
N GLU A 217 -26.88 18.51 -0.46
CA GLU A 217 -26.49 19.82 -0.96
C GLU A 217 -27.46 20.32 -2.01
N LEU A 218 -27.97 19.40 -2.82
CA LEU A 218 -28.93 19.74 -3.86
C LEU A 218 -30.30 20.10 -3.27
N THR A 219 -30.74 19.33 -2.28
CA THR A 219 -32.07 19.56 -1.70
C THR A 219 -32.10 20.78 -0.79
N THR A 220 -30.96 21.08 -0.17
CA THR A 220 -30.81 22.28 0.64
C THR A 220 -30.87 23.50 -0.28
N TYR A 221 -30.43 23.31 -1.52
CA TYR A 221 -30.42 24.37 -2.51
C TYR A 221 -31.85 24.76 -2.90
N LEU A 222 -32.80 23.87 -2.63
CA LEU A 222 -34.21 24.10 -2.97
C LEU A 222 -34.98 24.66 -1.78
N TRP B 7 -52.14 -32.44 -24.84
CA TRP B 7 -51.93 -31.27 -23.99
C TRP B 7 -50.57 -30.65 -24.25
N ALA B 8 -50.55 -29.37 -24.57
CA ALA B 8 -49.31 -28.67 -24.91
C ALA B 8 -49.10 -27.40 -24.08
N VAL B 9 -47.85 -27.11 -23.75
CA VAL B 9 -47.53 -25.91 -22.98
C VAL B 9 -46.72 -24.92 -23.83
N GLY B 10 -47.14 -23.67 -23.82
CA GLY B 10 -46.51 -22.63 -24.63
C GLY B 10 -45.15 -22.21 -24.11
N ARG B 11 -44.49 -21.30 -24.83
CA ARG B 11 -43.17 -20.83 -24.46
C ARG B 11 -43.24 -19.81 -23.33
N LEU B 18 -40.18 -23.30 -16.62
CA LEU B 18 -39.08 -24.25 -16.44
C LEU B 18 -38.27 -23.92 -15.21
N LEU B 19 -38.23 -22.63 -14.86
CA LEU B 19 -37.52 -22.16 -13.68
C LEU B 19 -38.03 -22.87 -12.42
N LEU B 20 -39.34 -23.06 -12.34
CA LEU B 20 -39.95 -23.75 -11.21
C LEU B 20 -39.46 -25.20 -11.11
N ALA B 21 -39.27 -25.82 -12.27
CA ALA B 21 -38.75 -27.17 -12.32
C ALA B 21 -37.27 -27.19 -11.94
N VAL B 22 -36.56 -26.13 -12.31
CA VAL B 22 -35.13 -26.04 -12.05
C VAL B 22 -34.85 -25.55 -10.62
N ALA B 23 -35.60 -24.55 -10.16
CA ALA B 23 -35.39 -23.98 -8.83
C ALA B 23 -35.53 -25.01 -7.71
N ALA B 24 -36.49 -25.92 -7.86
CA ALA B 24 -36.75 -26.94 -6.85
C ALA B 24 -35.55 -27.86 -6.66
N VAL B 25 -34.97 -28.29 -7.78
CA VAL B 25 -33.84 -29.23 -7.75
C VAL B 25 -32.59 -28.62 -7.15
N LEU B 26 -32.27 -27.40 -7.56
CA LEU B 26 -31.00 -26.77 -7.17
C LEU B 26 -30.95 -26.38 -5.70
N THR B 27 -32.07 -25.94 -5.15
CA THR B 27 -32.11 -25.56 -3.74
C THR B 27 -32.05 -26.81 -2.85
N GLN B 28 -32.65 -27.89 -3.30
CA GLN B 28 -32.72 -29.10 -2.48
C GLN B 28 -31.49 -30.01 -2.66
N VAL B 29 -30.58 -29.64 -3.55
CA VAL B 29 -29.29 -30.32 -3.61
C VAL B 29 -28.25 -29.51 -2.87
N VAL B 30 -28.51 -28.21 -2.72
CA VAL B 30 -27.65 -27.33 -1.95
C VAL B 30 -27.86 -27.53 -0.46
N TRP B 31 -29.12 -27.60 -0.06
CA TRP B 31 -29.49 -27.86 1.33
C TRP B 31 -29.05 -29.25 1.76
N LEU B 32 -29.09 -30.19 0.82
CA LEU B 32 -28.63 -31.55 1.06
C LEU B 32 -27.11 -31.56 1.18
N TRP B 33 -26.47 -30.62 0.47
CA TRP B 33 -25.02 -30.48 0.52
C TRP B 33 -24.57 -29.86 1.83
N LEU B 34 -25.29 -28.84 2.29
CA LEU B 34 -24.96 -28.17 3.53
C LEU B 34 -25.10 -29.10 4.72
N GLY B 35 -25.98 -30.09 4.60
CA GLY B 35 -26.23 -31.03 5.67
C GLY B 35 -25.23 -32.16 5.74
N THR B 36 -24.53 -32.41 4.64
CA THR B 36 -23.55 -33.48 4.58
C THR B 36 -22.14 -32.94 4.73
N GLN B 37 -22.04 -31.65 5.06
CA GLN B 37 -20.74 -31.02 5.26
C GLN B 37 -20.11 -31.47 6.57
N SER B 38 -18.88 -31.98 6.48
CA SER B 38 -18.18 -32.46 7.64
C SER B 38 -16.84 -31.75 7.78
N PHE B 39 -16.62 -31.15 8.96
CA PHE B 39 -15.39 -30.42 9.24
C PHE B 39 -14.40 -31.30 9.99
N VAL B 40 -13.13 -31.25 9.58
CA VAL B 40 -12.08 -32.04 10.20
C VAL B 40 -11.80 -31.56 11.63
N PHE B 41 -11.75 -30.25 11.81
CA PHE B 41 -11.46 -29.65 13.10
C PHE B 41 -12.69 -28.95 13.67
N GLN B 42 -12.77 -28.88 14.99
CA GLN B 42 -13.86 -28.13 15.62
C GLN B 42 -13.57 -26.64 15.56
N ARG B 43 -14.60 -25.84 15.87
CA ARG B 43 -14.48 -24.39 15.87
C ARG B 43 -13.43 -23.90 16.86
N GLU B 44 -13.25 -24.64 17.95
CA GLU B 44 -12.34 -24.24 19.01
C GLU B 44 -11.22 -25.24 19.25
N GLU B 45 -11.18 -26.31 18.46
CA GLU B 45 -10.21 -27.39 18.67
C GLU B 45 -8.77 -26.90 18.48
N ILE B 46 -8.53 -26.18 17.40
CA ILE B 46 -7.21 -25.64 17.13
C ILE B 46 -6.78 -24.66 18.23
N ALA B 47 -7.72 -23.84 18.67
CA ALA B 47 -7.44 -22.78 19.64
C ALA B 47 -7.00 -23.34 20.99
N GLN B 48 -7.64 -24.43 21.42
CA GLN B 48 -7.29 -25.06 22.68
C GLN B 48 -5.89 -25.68 22.62
N LEU B 49 -5.60 -26.31 21.48
CA LEU B 49 -4.32 -26.99 21.31
C LEU B 49 -3.17 -26.00 21.26
N ALA B 50 -3.34 -24.94 20.45
CA ALA B 50 -2.33 -23.92 20.29
C ALA B 50 -2.05 -23.19 21.60
N ARG B 51 -3.11 -22.96 22.37
CA ARG B 51 -3.01 -22.29 23.67
C ARG B 51 -2.05 -23.02 24.62
N GLN B 52 -1.92 -24.33 24.45
CA GLN B 52 -1.08 -25.13 25.33
C GLN B 52 0.40 -24.91 25.08
N TYR B 53 0.75 -24.45 23.89
CA TYR B 53 2.15 -24.30 23.50
C TYR B 53 2.61 -22.85 23.50
N ALA B 54 1.71 -21.94 23.83
CA ALA B 54 2.05 -20.52 23.89
C ALA B 54 3.03 -20.30 25.03
N GLY B 55 3.95 -19.36 24.83
CA GLY B 55 4.95 -19.06 25.86
C GLY B 55 6.28 -19.70 25.58
N LEU B 56 6.27 -20.78 24.82
CA LEU B 56 7.50 -21.44 24.39
C LEU B 56 8.17 -20.62 23.30
N ASP B 57 9.41 -20.96 22.98
CA ASP B 57 10.06 -20.43 21.80
C ASP B 57 9.26 -20.86 20.58
N HIS B 58 8.88 -19.90 19.74
CA HIS B 58 7.94 -20.14 18.66
C HIS B 58 8.32 -21.32 17.75
N GLU B 59 9.62 -21.57 17.57
CA GLU B 59 10.06 -22.70 16.77
C GLU B 59 9.78 -24.02 17.48
N LEU B 60 9.96 -24.04 18.79
CA LEU B 60 9.70 -25.23 19.58
C LEU B 60 8.20 -25.50 19.66
N ALA B 61 7.43 -24.42 19.83
CA ALA B 61 5.99 -24.51 19.93
C ALA B 61 5.40 -25.04 18.63
N PHE B 62 5.91 -24.56 17.50
CA PHE B 62 5.44 -24.98 16.19
C PHE B 62 5.67 -26.47 15.94
N SER B 63 6.88 -26.93 16.28
CA SER B 63 7.24 -28.32 16.04
C SER B 63 6.39 -29.25 16.89
N ARG B 64 6.24 -28.91 18.17
CA ARG B 64 5.42 -29.70 19.08
C ARG B 64 3.98 -29.75 18.60
N LEU B 65 3.48 -28.62 18.13
CA LEU B 65 2.10 -28.50 17.66
C LEU B 65 1.85 -29.37 16.43
N ILE B 66 2.81 -29.39 15.51
CA ILE B 66 2.68 -30.15 14.28
C ILE B 66 2.63 -31.64 14.57
N VAL B 67 3.44 -32.08 15.53
CA VAL B 67 3.45 -33.49 15.92
C VAL B 67 2.11 -33.88 16.51
N GLU B 68 1.60 -33.06 17.42
CA GLU B 68 0.33 -33.31 18.07
C GLU B 68 -0.82 -33.25 17.07
N LEU B 69 -0.76 -32.30 16.15
CA LEU B 69 -1.79 -32.17 15.12
C LEU B 69 -1.82 -33.38 14.20
N ARG B 70 -0.64 -33.90 13.85
CA ARG B 70 -0.56 -35.10 13.03
C ARG B 70 -1.11 -36.30 13.80
N ARG B 71 -0.92 -36.29 15.12
CA ARG B 71 -1.36 -37.39 15.96
C ARG B 71 -2.89 -37.42 16.11
N LEU B 72 -3.48 -36.24 16.27
CA LEU B 72 -4.91 -36.12 16.48
C LEU B 72 -5.72 -36.30 15.20
N HIS B 73 -5.15 -35.90 14.07
CA HIS B 73 -5.85 -36.04 12.80
C HIS B 73 -4.93 -36.54 11.70
N PRO B 74 -4.63 -37.84 11.70
CA PRO B 74 -3.79 -38.41 10.64
C PRO B 74 -4.46 -38.31 9.27
N GLY B 75 -3.70 -37.92 8.26
CA GLY B 75 -4.21 -37.80 6.92
C GLY B 75 -4.66 -36.40 6.54
N HIS B 76 -4.55 -35.47 7.48
CA HIS B 76 -5.02 -34.10 7.24
C HIS B 76 -3.96 -33.03 7.52
N VAL B 77 -2.71 -33.47 7.73
CA VAL B 77 -1.62 -32.52 7.93
C VAL B 77 -0.50 -32.80 6.93
N LEU B 78 -0.04 -31.75 6.25
CA LEU B 78 0.99 -31.87 5.24
C LEU B 78 2.30 -32.44 5.81
N PRO B 79 3.02 -33.24 5.00
CA PRO B 79 4.29 -33.87 5.41
C PRO B 79 5.43 -32.86 5.57
N ASP B 80 6.53 -33.29 6.18
CA ASP B 80 7.67 -32.42 6.39
C ASP B 80 8.25 -31.93 5.06
N GLU B 81 8.16 -32.76 4.04
CA GLU B 81 8.69 -32.42 2.71
C GLU B 81 7.82 -31.38 2.01
N GLU B 82 6.62 -31.12 2.54
CA GLU B 82 5.71 -30.17 1.93
C GLU B 82 5.42 -28.98 2.83
N LEU B 83 6.25 -28.82 3.86
CA LEU B 83 6.16 -27.65 4.73
C LEU B 83 7.14 -26.58 4.27
N GLN B 84 6.68 -25.35 4.20
CA GLN B 84 7.50 -24.24 3.71
C GLN B 84 6.97 -22.90 4.18
N TRP B 85 7.89 -22.02 4.59
CA TRP B 85 7.54 -20.64 4.88
C TRP B 85 7.46 -19.82 3.60
N VAL B 86 6.30 -19.25 3.35
CA VAL B 86 6.09 -18.41 2.18
C VAL B 86 5.65 -17.01 2.61
N PHE B 87 6.24 -15.99 2.00
CA PHE B 87 5.84 -14.62 2.28
C PHE B 87 4.40 -14.37 1.83
N VAL B 88 3.68 -13.59 2.61
CA VAL B 88 2.33 -13.21 2.25
C VAL B 88 2.21 -11.70 2.25
N ASN B 89 1.72 -11.15 1.13
CA ASN B 89 1.52 -9.71 1.04
C ASN B 89 0.07 -9.38 0.67
N ALA B 90 -0.61 -8.72 1.59
CA ALA B 90 -2.03 -8.39 1.40
C ALA B 90 -2.46 -7.25 2.31
N GLY B 91 -3.35 -6.39 1.79
CA GLY B 91 -3.88 -5.30 2.58
C GLY B 91 -2.85 -4.30 3.08
N GLY B 92 -1.64 -4.37 2.56
CA GLY B 92 -0.59 -3.45 2.95
C GLY B 92 0.37 -4.05 3.95
N TRP B 93 0.01 -5.19 4.52
CA TRP B 93 0.89 -5.85 5.47
C TRP B 93 1.68 -6.97 4.80
N MET B 94 2.69 -7.46 5.49
CA MET B 94 3.51 -8.55 4.98
C MET B 94 3.80 -9.52 6.11
N GLY B 95 3.67 -10.81 5.82
CA GLY B 95 3.96 -11.84 6.80
C GLY B 95 4.52 -13.09 6.14
N ALA B 96 4.62 -14.17 6.92
CA ALA B 96 5.01 -15.46 6.37
C ALA B 96 4.05 -16.54 6.86
N MET B 97 3.74 -17.49 5.98
CA MET B 97 2.81 -18.55 6.36
C MET B 97 3.40 -19.94 6.14
N CYS B 98 2.98 -20.88 6.98
CA CYS B 98 3.28 -22.29 6.76
C CYS B 98 1.98 -23.08 6.82
N LEU B 99 1.49 -23.45 5.65
CA LEU B 99 0.23 -24.18 5.52
C LEU B 99 0.35 -25.59 6.06
N LEU B 100 -0.58 -25.99 6.92
CA LEU B 100 -0.58 -27.33 7.49
C LEU B 100 -1.76 -28.15 6.96
N HIS B 101 -2.92 -27.52 6.87
CA HIS B 101 -4.12 -28.17 6.35
C HIS B 101 -4.85 -27.21 5.40
N ALA B 102 -5.47 -27.76 4.36
CA ALA B 102 -6.19 -26.93 3.38
C ALA B 102 -7.20 -27.72 2.55
N SER B 103 -8.45 -27.34 2.65
CA SER B 103 -9.52 -27.85 1.79
C SER B 103 -10.23 -26.67 1.12
N LEU B 104 -11.43 -26.91 0.63
CA LEU B 104 -12.24 -25.83 0.08
C LEU B 104 -12.99 -25.10 1.19
N SER B 105 -13.00 -25.70 2.38
CA SER B 105 -13.83 -25.18 3.47
C SER B 105 -13.05 -24.91 4.76
N GLU B 106 -11.87 -25.50 4.89
CA GLU B 106 -11.04 -25.31 6.07
C GLU B 106 -9.58 -25.10 5.73
N TYR B 107 -8.85 -24.45 6.63
CA TYR B 107 -7.40 -24.39 6.53
C TYR B 107 -6.76 -24.16 7.90
N VAL B 108 -5.57 -24.71 8.09
CA VAL B 108 -4.77 -24.46 9.28
C VAL B 108 -3.36 -24.09 8.86
N LEU B 109 -2.88 -22.94 9.32
CA LEU B 109 -1.54 -22.49 8.96
C LEU B 109 -0.83 -21.77 10.10
N LEU B 110 0.51 -21.80 10.04
CA LEU B 110 1.31 -21.00 10.96
C LEU B 110 1.58 -19.65 10.32
N PHE B 111 1.32 -18.57 11.05
CA PHE B 111 1.53 -17.23 10.52
C PHE B 111 2.29 -16.34 11.49
N GLY B 112 3.01 -15.37 10.95
CA GLY B 112 3.72 -14.41 11.78
C GLY B 112 4.71 -13.54 11.03
N THR B 113 5.35 -12.62 11.77
CA THR B 113 6.39 -11.75 11.24
C THR B 113 7.55 -11.66 12.21
N ALA B 114 8.73 -11.34 11.68
CA ALA B 114 9.88 -11.11 12.54
C ALA B 114 10.08 -9.61 12.74
N LEU B 115 9.54 -8.82 11.81
CA LEU B 115 9.72 -7.38 11.84
C LEU B 115 8.50 -6.66 12.41
N GLY B 116 7.34 -7.26 12.22
CA GLY B 116 6.08 -6.62 12.55
C GLY B 116 5.49 -6.03 11.28
N SER B 117 4.18 -5.78 11.29
CA SER B 117 3.52 -5.24 10.11
C SER B 117 2.17 -4.61 10.43
N ARG B 118 1.65 -3.85 9.48
CA ARG B 118 0.34 -3.22 9.63
C ARG B 118 -0.42 -3.23 8.31
N GLY B 119 -1.74 -3.41 8.38
CA GLY B 119 -2.57 -3.40 7.18
C GLY B 119 -4.06 -3.58 7.38
N HIS B 120 -4.70 -4.13 6.35
CA HIS B 120 -6.14 -4.39 6.33
C HIS B 120 -6.40 -5.88 6.55
N SER B 121 -7.30 -6.20 7.47
CA SER B 121 -7.63 -7.59 7.79
C SER B 121 -8.21 -8.35 6.60
N GLY B 122 -8.97 -7.63 5.77
CA GLY B 122 -9.65 -8.22 4.64
C GLY B 122 -11.06 -8.67 5.00
N ARG B 123 -12.00 -8.53 4.08
CA ARG B 123 -13.35 -9.04 4.29
C ARG B 123 -13.51 -10.41 3.66
N TYR B 124 -13.66 -11.43 4.50
CA TYR B 124 -13.75 -12.81 4.02
C TYR B 124 -15.18 -13.34 4.09
N TRP B 125 -15.47 -14.30 3.23
CA TRP B 125 -16.66 -15.13 3.37
C TRP B 125 -16.26 -16.37 4.16
N ALA B 126 -15.72 -16.13 5.35
CA ALA B 126 -15.16 -17.19 6.17
C ALA B 126 -14.89 -16.68 7.58
N GLU B 127 -14.82 -17.61 8.53
CA GLU B 127 -14.52 -17.24 9.91
C GLU B 127 -13.10 -17.66 10.26
N ILE B 128 -12.30 -16.70 10.72
CA ILE B 128 -10.89 -16.93 10.99
C ILE B 128 -10.51 -16.62 12.44
N SER B 129 -9.90 -17.59 13.10
CA SER B 129 -9.46 -17.42 14.48
C SER B 129 -7.96 -17.59 14.61
N ASP B 130 -7.31 -16.68 15.32
CA ASP B 130 -5.86 -16.71 15.50
C ASP B 130 -5.48 -16.80 16.97
N THR B 131 -4.68 -17.80 17.31
CA THR B 131 -4.18 -17.96 18.68
C THR B 131 -2.71 -17.60 18.75
N ILE B 132 -2.39 -16.57 19.53
CA ILE B 132 -1.04 -16.01 19.57
C ILE B 132 -0.06 -16.90 20.35
N ILE B 133 1.04 -17.29 19.69
CA ILE B 133 2.10 -18.07 20.33
C ILE B 133 3.15 -17.15 20.94
N SER B 134 3.39 -16.02 20.29
CA SER B 134 4.33 -15.02 20.80
C SER B 134 4.06 -13.65 20.19
N GLY B 135 4.65 -12.61 20.76
CA GLY B 135 4.51 -11.26 20.25
C GLY B 135 3.25 -10.55 20.74
N THR B 136 2.74 -9.64 19.92
CA THR B 136 1.51 -8.93 20.24
C THR B 136 0.62 -8.78 19.01
N PHE B 137 -0.69 -8.82 19.23
CA PHE B 137 -1.66 -8.65 18.16
C PHE B 137 -2.59 -7.48 18.47
N HIS B 138 -2.48 -6.40 17.71
CA HIS B 138 -3.34 -5.24 17.87
C HIS B 138 -4.48 -5.27 16.85
N GLN B 139 -5.71 -5.11 17.34
CA GLN B 139 -6.87 -5.16 16.47
C GLN B 139 -7.74 -3.91 16.65
N TRP B 140 -8.12 -3.30 15.53
CA TRP B 140 -8.94 -2.10 15.54
C TRP B 140 -10.24 -2.35 14.78
N ARG B 141 -11.31 -2.61 15.53
CA ARG B 141 -12.60 -2.96 14.94
C ARG B 141 -13.21 -1.80 14.16
N GLU B 142 -13.92 -2.12 13.09
CA GLU B 142 -14.56 -1.10 12.25
C GLU B 142 -15.71 -0.43 12.99
N GLY B 143 -15.74 0.90 12.92
CA GLY B 143 -16.78 1.67 13.56
C GLY B 143 -16.38 2.13 14.95
N THR B 144 -15.21 1.67 15.39
CA THR B 144 -14.68 2.05 16.70
C THR B 144 -13.51 3.00 16.56
N THR B 145 -13.15 3.66 17.65
CA THR B 145 -12.00 4.57 17.66
C THR B 145 -10.97 4.14 18.69
N LYS B 146 -11.00 2.86 19.04
CA LYS B 146 -10.07 2.30 20.01
C LYS B 146 -9.54 0.96 19.50
N SER B 147 -8.35 0.58 19.94
CA SER B 147 -7.79 -0.71 19.57
C SER B 147 -7.63 -1.60 20.80
N GLU B 148 -7.62 -2.91 20.56
CA GLU B 148 -7.41 -3.89 21.63
C GLU B 148 -6.13 -4.65 21.38
N VAL B 149 -5.51 -5.14 22.44
CA VAL B 149 -4.26 -5.87 22.32
C VAL B 149 -4.38 -7.30 22.85
N PHE B 150 -3.90 -8.26 22.07
CA PHE B 150 -3.88 -9.65 22.48
C PHE B 150 -2.44 -10.10 22.71
N TYR B 151 -2.22 -10.83 23.80
CA TYR B 151 -0.89 -11.33 24.15
C TYR B 151 -0.84 -12.85 23.98
N PRO B 152 0.36 -13.45 24.03
CA PRO B 152 0.49 -14.90 23.88
C PRO B 152 -0.44 -15.70 24.79
N GLY B 153 -1.21 -16.61 24.17
CA GLY B 153 -2.19 -17.41 24.89
C GLY B 153 -3.60 -17.06 24.50
N GLU B 154 -3.78 -15.84 24.00
CA GLU B 154 -5.12 -15.34 23.65
C GLU B 154 -5.50 -15.70 22.22
N THR B 155 -6.81 -15.77 21.97
CA THR B 155 -7.31 -16.07 20.64
C THR B 155 -8.15 -14.92 20.09
N VAL B 156 -7.85 -14.50 18.87
CA VAL B 156 -8.62 -13.47 18.20
C VAL B 156 -9.45 -14.09 17.08
N VAL B 157 -10.76 -13.87 17.12
CA VAL B 157 -11.66 -14.41 16.10
C VAL B 157 -12.08 -13.33 15.11
N HIS B 158 -12.00 -13.66 13.83
CA HIS B 158 -12.38 -12.73 12.76
C HIS B 158 -13.62 -13.24 12.04
N GLY B 159 -14.78 -12.74 12.45
CA GLY B 159 -16.04 -13.18 11.89
C GLY B 159 -16.22 -12.81 10.44
N PRO B 160 -17.03 -13.57 9.70
CA PRO B 160 -17.25 -13.33 8.27
C PRO B 160 -17.91 -11.99 8.00
N GLY B 161 -17.40 -11.26 7.02
CA GLY B 161 -17.92 -9.95 6.67
C GLY B 161 -17.22 -8.83 7.40
N GLU B 162 -16.63 -9.16 8.55
CA GLU B 162 -15.97 -8.15 9.39
C GLU B 162 -14.69 -7.65 8.76
N ALA B 163 -14.40 -6.37 8.99
CA ALA B 163 -13.18 -5.74 8.52
C ALA B 163 -12.54 -4.96 9.66
N THR B 164 -11.29 -5.26 9.97
CA THR B 164 -10.57 -4.53 11.00
C THR B 164 -9.22 -4.06 10.51
N ALA B 165 -8.59 -3.19 11.28
CA ALA B 165 -7.19 -2.82 11.05
C ALA B 165 -6.32 -3.59 12.02
N VAL B 166 -5.34 -4.31 11.50
CA VAL B 166 -4.53 -5.18 12.35
C VAL B 166 -3.07 -4.76 12.40
N GLU B 167 -2.42 -5.06 13.51
CA GLU B 167 -1.00 -4.76 13.68
C GLU B 167 -0.28 -5.86 14.45
N TRP B 168 0.84 -6.33 13.89
CA TRP B 168 1.68 -7.30 14.56
C TRP B 168 2.95 -6.65 15.05
N GLY B 169 3.37 -7.00 16.26
CA GLY B 169 4.63 -6.52 16.79
C GLY B 169 5.76 -7.39 16.28
N PRO B 170 7.01 -6.97 16.51
CA PRO B 170 8.18 -7.79 16.15
C PRO B 170 8.13 -9.14 16.85
N ASN B 171 8.47 -10.20 16.12
CA ASN B 171 8.40 -11.57 16.63
C ASN B 171 7.02 -11.95 17.17
N THR B 172 5.99 -11.64 16.38
CA THR B 172 4.64 -12.10 16.67
C THR B 172 4.34 -13.33 15.83
N TRP B 173 4.04 -14.44 16.50
CA TRP B 173 3.76 -15.70 15.81
C TRP B 173 2.50 -16.35 16.36
N MET B 174 1.68 -16.91 15.47
CA MET B 174 0.38 -17.41 15.87
C MET B 174 -0.04 -18.65 15.09
N VAL B 175 -1.07 -19.31 15.59
CA VAL B 175 -1.67 -20.44 14.89
C VAL B 175 -3.04 -19.99 14.39
N GLU B 176 -3.32 -20.23 13.12
CA GLU B 176 -4.54 -19.73 12.52
C GLU B 176 -5.39 -20.82 11.92
N TYR B 177 -6.67 -20.84 12.29
CA TYR B 177 -7.64 -21.74 11.69
C TYR B 177 -8.75 -20.95 11.02
N GLY B 178 -8.99 -21.23 9.74
CA GLY B 178 -10.04 -20.57 9.00
C GLY B 178 -11.09 -21.55 8.51
N ARG B 179 -12.34 -21.10 8.46
CA ARG B 179 -13.44 -21.93 7.98
C ARG B 179 -14.45 -21.11 7.18
N GLY B 180 -14.77 -21.58 5.97
CA GLY B 180 -15.69 -20.88 5.09
C GLY B 180 -15.36 -21.13 3.63
N VAL B 181 -15.64 -20.16 2.76
CA VAL B 181 -15.31 -20.28 1.35
C VAL B 181 -13.84 -19.92 1.13
N ILE B 182 -12.97 -20.87 1.45
CA ILE B 182 -11.52 -20.65 1.48
C ILE B 182 -10.88 -20.11 0.18
N PRO B 183 -11.28 -20.63 -1.00
CA PRO B 183 -10.67 -20.09 -2.23
C PRO B 183 -10.83 -18.58 -2.37
N SER B 184 -11.92 -18.02 -1.86
CA SER B 184 -12.14 -16.58 -1.94
C SER B 184 -11.15 -15.82 -1.05
N THR B 185 -10.80 -16.42 0.09
CA THR B 185 -9.85 -15.80 1.01
C THR B 185 -8.47 -15.73 0.38
N LEU B 186 -8.17 -16.70 -0.49
CA LEU B 186 -6.90 -16.75 -1.19
C LEU B 186 -6.78 -15.58 -2.16
N ALA B 187 -7.93 -15.07 -2.63
CA ALA B 187 -7.93 -13.92 -3.52
C ALA B 187 -7.38 -12.69 -2.82
N PHE B 188 -7.70 -12.55 -1.52
CA PHE B 188 -7.24 -11.41 -0.75
C PHE B 188 -5.76 -11.53 -0.39
N ALA B 189 -5.32 -12.73 -0.03
CA ALA B 189 -3.96 -12.96 0.42
C ALA B 189 -2.91 -12.76 -0.68
N LEU B 190 -3.38 -12.73 -1.93
CA LEU B 190 -2.48 -12.61 -3.07
C LEU B 190 -2.59 -11.24 -3.74
N ALA B 191 -3.38 -10.36 -3.13
CA ALA B 191 -3.66 -9.04 -3.69
C ALA B 191 -2.39 -8.23 -3.93
N ASP B 192 -1.62 -8.00 -2.86
CA ASP B 192 -0.40 -7.21 -2.97
C ASP B 192 0.71 -7.97 -3.69
N THR B 193 0.66 -9.29 -3.65
CA THR B 193 1.64 -10.09 -4.36
C THR B 193 1.52 -9.81 -5.86
N VAL B 194 0.28 -9.66 -6.33
CA VAL B 194 0.03 -9.46 -7.75
C VAL B 194 0.25 -8.02 -8.19
N PHE B 195 -0.27 -7.06 -7.43
CA PHE B 195 -0.29 -5.67 -7.86
C PHE B 195 0.78 -4.78 -7.22
N SER B 196 1.53 -5.31 -6.27
CA SER B 196 2.48 -4.47 -5.54
C SER B 196 3.91 -5.00 -5.60
N THR B 197 4.10 -6.28 -5.27
CA THR B 197 5.44 -6.84 -5.20
C THR B 197 5.83 -7.54 -6.51
N GLN B 198 4.82 -7.90 -7.30
CA GLN B 198 5.02 -8.63 -8.55
C GLN B 198 5.90 -9.87 -8.35
N ASP B 199 5.87 -10.42 -7.14
CA ASP B 199 6.65 -11.59 -6.81
C ASP B 199 5.93 -12.86 -7.23
N PHE B 200 6.03 -13.19 -8.51
CA PHE B 200 5.34 -14.34 -9.07
C PHE B 200 5.81 -15.64 -8.42
N LEU B 201 7.04 -15.63 -7.93
CA LEU B 201 7.61 -16.80 -7.28
C LEU B 201 6.85 -17.17 -6.00
N THR B 202 6.54 -16.17 -5.19
CA THR B 202 5.73 -16.41 -3.99
C THR B 202 4.31 -16.77 -4.40
N LEU B 203 3.83 -16.13 -5.46
CA LEU B 203 2.51 -16.44 -6.01
C LEU B 203 2.44 -17.90 -6.44
N PHE B 204 3.55 -18.40 -6.99
CA PHE B 204 3.66 -19.81 -7.35
C PHE B 204 3.71 -20.69 -6.10
N TYR B 205 4.48 -20.25 -5.11
CA TYR B 205 4.65 -21.03 -3.88
C TYR B 205 3.31 -21.22 -3.16
N THR B 206 2.56 -20.13 -3.02
CA THR B 206 1.29 -20.18 -2.30
C THR B 206 0.28 -21.08 -3.00
N LEU B 207 0.11 -20.88 -4.30
CA LEU B 207 -0.82 -21.70 -5.08
C LEU B 207 -0.41 -23.17 -5.02
N ARG B 208 0.89 -23.43 -4.99
CA ARG B 208 1.40 -24.78 -4.88
C ARG B 208 1.09 -25.36 -3.49
N SER B 209 1.20 -24.52 -2.47
CA SER B 209 0.89 -24.92 -1.10
C SER B 209 -0.58 -25.30 -0.98
N TYR B 210 -1.44 -24.54 -1.65
CA TYR B 210 -2.86 -24.79 -1.62
C TYR B 210 -3.17 -26.09 -2.35
N ALA B 211 -2.54 -26.27 -3.50
CA ALA B 211 -2.74 -27.46 -4.31
C ALA B 211 -2.38 -28.73 -3.54
N ARG B 212 -1.28 -28.66 -2.78
CA ARG B 212 -0.81 -29.80 -2.00
C ARG B 212 -1.76 -30.15 -0.86
N GLY B 213 -2.35 -29.12 -0.25
CA GLY B 213 -3.35 -29.35 0.77
C GLY B 213 -4.57 -30.00 0.17
N LEU B 214 -4.98 -29.54 -1.00
CA LEU B 214 -6.12 -30.10 -1.70
C LEU B 214 -5.84 -31.53 -2.15
N ARG B 215 -4.61 -31.80 -2.58
CA ARG B 215 -4.25 -33.14 -3.02
C ARG B 215 -4.36 -34.14 -1.88
N LEU B 216 -3.80 -33.79 -0.72
CA LEU B 216 -3.85 -34.64 0.46
C LEU B 216 -5.30 -34.93 0.86
N GLU B 217 -6.12 -33.89 0.86
CA GLU B 217 -7.51 -34.01 1.27
C GLU B 217 -8.32 -34.86 0.30
N LEU B 218 -8.00 -34.76 -0.99
CA LEU B 218 -8.66 -35.57 -1.99
C LEU B 218 -8.29 -37.04 -1.81
N THR B 219 -7.00 -37.30 -1.61
CA THR B 219 -6.51 -38.67 -1.40
C THR B 219 -7.11 -39.28 -0.13
N THR B 220 -7.02 -38.54 0.96
CA THR B 220 -7.54 -38.98 2.26
C THR B 220 -9.05 -39.23 2.21
N TYR B 221 -9.76 -38.42 1.43
CA TYR B 221 -11.20 -38.58 1.32
C TYR B 221 -11.54 -39.83 0.53
N LEU B 222 -10.84 -40.01 -0.59
CA LEU B 222 -11.08 -41.14 -1.47
C LEU B 222 -10.60 -42.47 -0.86
N PHE B 223 -9.33 -42.55 -0.50
CA PHE B 223 -8.75 -43.83 -0.09
C PHE B 223 -8.45 -43.93 1.41
N GLY B 224 -9.06 -43.06 2.20
CA GLY B 224 -8.94 -43.13 3.64
C GLY B 224 -7.53 -42.90 4.14
N ARG C 12 10.21 -14.33 -53.69
CA ARG C 12 9.70 -13.51 -52.60
C ARG C 12 10.25 -13.94 -51.26
N TRP C 13 10.80 -15.16 -51.22
CA TRP C 13 11.37 -15.71 -49.99
C TRP C 13 12.74 -15.10 -49.69
N ALA C 14 13.32 -14.42 -50.68
CA ALA C 14 14.63 -13.81 -50.53
C ALA C 14 14.58 -12.52 -49.71
N TRP C 15 13.39 -11.94 -49.61
CA TRP C 15 13.21 -10.71 -48.84
C TRP C 15 13.38 -10.95 -47.34
N ALA C 16 12.86 -12.09 -46.87
CA ALA C 16 12.93 -12.42 -45.45
C ALA C 16 14.33 -12.82 -45.03
N ALA C 17 15.06 -13.46 -45.94
CA ALA C 17 16.42 -13.93 -45.69
C ALA C 17 17.37 -12.76 -45.42
N LEU C 18 17.24 -11.71 -46.22
CA LEU C 18 18.08 -10.53 -46.08
C LEU C 18 17.74 -9.78 -44.79
N LEU C 19 16.45 -9.74 -44.47
CA LEU C 19 15.96 -9.08 -43.27
C LEU C 19 16.44 -9.79 -42.01
N LEU C 20 16.59 -11.10 -42.12
CA LEU C 20 17.08 -11.92 -41.01
C LEU C 20 18.60 -11.89 -40.95
N ALA C 21 19.24 -11.83 -42.11
CA ALA C 21 20.69 -11.76 -42.21
C ALA C 21 21.22 -10.49 -41.54
N VAL C 22 20.56 -9.37 -41.81
CA VAL C 22 20.93 -8.11 -41.19
C VAL C 22 20.48 -8.10 -39.73
N ALA C 23 19.53 -8.96 -39.40
CA ALA C 23 19.11 -9.11 -38.02
C ALA C 23 20.07 -10.03 -37.27
N ALA C 24 20.54 -11.06 -37.96
CA ALA C 24 21.46 -12.03 -37.37
C ALA C 24 22.78 -11.37 -37.00
N VAL C 25 23.28 -10.52 -37.87
CA VAL C 25 24.57 -9.87 -37.66
C VAL C 25 24.51 -8.85 -36.53
N LEU C 26 23.40 -8.12 -36.46
CA LEU C 26 23.21 -7.12 -35.41
C LEU C 26 23.09 -7.78 -34.05
N THR C 27 22.46 -8.95 -34.01
CA THR C 27 22.33 -9.70 -32.77
C THR C 27 23.68 -10.24 -32.31
N GLN C 28 24.55 -10.54 -33.27
CA GLN C 28 25.90 -11.01 -32.96
C GLN C 28 26.78 -9.85 -32.49
N VAL C 29 26.50 -8.66 -33.01
CA VAL C 29 27.17 -7.45 -32.55
C VAL C 29 26.80 -7.13 -31.11
N VAL C 30 25.50 -7.17 -30.82
CA VAL C 30 25.00 -6.90 -29.48
C VAL C 30 25.56 -7.91 -28.48
N TRP C 31 25.59 -9.18 -28.88
CA TRP C 31 26.08 -10.25 -28.04
C TRP C 31 27.56 -10.08 -27.68
N LEU C 32 28.36 -9.74 -28.69
CA LEU C 32 29.77 -9.46 -28.50
C LEU C 32 29.97 -8.25 -27.61
N TRP C 33 29.26 -7.17 -27.92
CA TRP C 33 29.37 -5.93 -27.17
C TRP C 33 28.99 -6.11 -25.70
N LEU C 34 27.98 -6.95 -25.47
CA LEU C 34 27.55 -7.27 -24.11
C LEU C 34 28.56 -8.13 -23.37
N GLY C 35 29.42 -8.80 -24.12
CA GLY C 35 30.40 -9.70 -23.54
C GLY C 35 31.69 -9.00 -23.18
N THR C 36 32.06 -8.00 -23.97
CA THR C 36 33.29 -7.27 -23.75
C THR C 36 33.10 -6.10 -22.78
N GLN C 37 31.99 -6.10 -22.05
CA GLN C 37 31.67 -4.98 -21.16
C GLN C 37 32.54 -4.94 -19.90
N SER C 38 32.99 -3.74 -19.54
CA SER C 38 33.73 -3.53 -18.31
C SER C 38 32.97 -2.56 -17.41
N PHE C 39 33.12 -2.69 -16.10
CA PHE C 39 32.34 -1.89 -15.18
C PHE C 39 33.11 -0.69 -14.63
N VAL C 40 32.45 0.46 -14.61
CA VAL C 40 33.06 1.69 -14.12
C VAL C 40 33.38 1.58 -12.63
N PHE C 41 32.39 1.13 -11.86
CA PHE C 41 32.55 1.05 -10.42
C PHE C 41 32.76 -0.37 -9.93
N GLN C 42 33.51 -0.49 -8.85
CA GLN C 42 33.74 -1.77 -8.19
C GLN C 42 32.81 -1.88 -6.99
N ARG C 43 32.51 -3.10 -6.59
CA ARG C 43 31.61 -3.35 -5.46
C ARG C 43 32.20 -2.83 -4.16
N GLU C 44 33.46 -3.16 -3.89
CA GLU C 44 34.14 -2.70 -2.69
C GLU C 44 34.41 -1.20 -2.76
N GLU C 45 34.61 -0.68 -3.96
CA GLU C 45 34.94 0.73 -4.17
C GLU C 45 33.87 1.65 -3.55
N ILE C 46 32.61 1.32 -3.80
CA ILE C 46 31.50 2.11 -3.28
C ILE C 46 31.31 1.88 -1.79
N ALA C 47 31.51 0.64 -1.37
CA ALA C 47 31.32 0.26 0.03
C ALA C 47 32.33 0.96 0.94
N GLN C 48 33.59 0.94 0.55
CA GLN C 48 34.65 1.53 1.36
C GLN C 48 34.59 3.06 1.32
N LEU C 49 34.17 3.60 0.18
CA LEU C 49 34.06 5.04 0.04
C LEU C 49 32.90 5.57 0.88
N ALA C 50 31.85 4.78 1.00
CA ALA C 50 30.68 5.17 1.78
C ALA C 50 30.95 5.09 3.28
N ARG C 51 31.58 3.99 3.70
CA ARG C 51 31.84 3.73 5.12
C ARG C 51 32.63 4.86 5.79
N GLN C 52 33.44 5.55 5.01
CA GLN C 52 34.29 6.61 5.55
C GLN C 52 33.52 7.90 5.82
N TYR C 53 32.39 8.09 5.14
CA TYR C 53 31.57 9.28 5.36
C TYR C 53 30.38 8.98 6.26
N ALA C 54 30.26 7.73 6.70
CA ALA C 54 29.13 7.31 7.51
C ALA C 54 29.13 7.98 8.89
N GLY C 55 30.30 8.42 9.33
CA GLY C 55 30.43 9.08 10.61
C GLY C 55 29.94 10.52 10.59
N LEU C 56 29.78 11.06 9.38
CA LEU C 56 29.30 12.42 9.20
C LEU C 56 27.78 12.46 9.13
N ASP C 57 27.21 13.66 9.19
CA ASP C 57 25.78 13.80 8.97
C ASP C 57 25.49 13.51 7.50
N HIS C 58 24.35 12.88 7.23
CA HIS C 58 24.07 12.32 5.90
C HIS C 58 24.08 13.37 4.79
N GLU C 59 23.74 14.61 5.13
CA GLU C 59 23.76 15.69 4.15
C GLU C 59 25.17 15.94 3.65
N LEU C 60 26.12 16.01 4.57
CA LEU C 60 27.51 16.25 4.23
C LEU C 60 28.16 15.00 3.66
N ALA C 61 27.75 13.83 4.18
CA ALA C 61 28.25 12.56 3.69
C ALA C 61 27.96 12.40 2.21
N PHE C 62 26.73 12.70 1.82
CA PHE C 62 26.30 12.60 0.43
C PHE C 62 27.09 13.54 -0.48
N SER C 63 27.18 14.81 -0.10
CA SER C 63 27.87 15.80 -0.93
C SER C 63 29.37 15.48 -1.06
N ARG C 64 29.99 15.05 0.03
CA ARG C 64 31.39 14.66 0.01
C ARG C 64 31.62 13.48 -0.92
N LEU C 65 30.73 12.50 -0.82
CA LEU C 65 30.86 11.27 -1.60
C LEU C 65 30.67 11.53 -3.10
N ILE C 66 29.70 12.36 -3.44
CA ILE C 66 29.43 12.68 -4.84
C ILE C 66 30.66 13.29 -5.50
N VAL C 67 31.27 14.25 -4.81
CA VAL C 67 32.46 14.91 -5.32
C VAL C 67 33.61 13.92 -5.50
N GLU C 68 33.82 13.08 -4.51
CA GLU C 68 34.87 12.06 -4.55
C GLU C 68 34.61 11.06 -5.68
N LEU C 69 33.34 10.71 -5.87
CA LEU C 69 32.95 9.80 -6.94
C LEU C 69 33.21 10.43 -8.31
N ARG C 70 32.99 11.74 -8.40
CA ARG C 70 33.28 12.48 -9.63
C ARG C 70 34.77 12.50 -9.91
N ARG C 71 35.56 12.63 -8.85
CA ARG C 71 37.01 12.73 -8.97
C ARG C 71 37.62 11.40 -9.43
N LEU C 72 37.11 10.31 -8.89
CA LEU C 72 37.62 8.98 -9.23
C LEU C 72 37.15 8.52 -10.62
N HIS C 73 35.94 8.91 -10.99
CA HIS C 73 35.38 8.51 -12.27
C HIS C 73 34.70 9.68 -12.98
N PRO C 74 35.52 10.55 -13.60
CA PRO C 74 34.97 11.69 -14.33
C PRO C 74 34.22 11.25 -15.59
N GLY C 75 33.04 11.84 -15.80
CA GLY C 75 32.23 11.54 -16.97
C GLY C 75 31.27 10.40 -16.75
N HIS C 76 31.21 9.91 -15.52
CA HIS C 76 30.32 8.80 -15.19
C HIS C 76 29.40 9.17 -14.02
N VAL C 77 29.46 10.43 -13.62
CA VAL C 77 28.58 10.93 -12.57
C VAL C 77 27.77 12.10 -13.13
N LEU C 78 26.47 12.11 -12.85
CA LEU C 78 25.59 13.16 -13.32
C LEU C 78 25.99 14.53 -12.79
N PRO C 79 25.83 15.58 -13.61
CA PRO C 79 26.05 16.97 -13.20
C PRO C 79 25.05 17.41 -12.12
N ASP C 80 25.36 18.49 -11.41
CA ASP C 80 24.51 18.99 -10.35
C ASP C 80 23.13 19.41 -10.85
N GLU C 81 23.06 19.85 -12.10
CA GLU C 81 21.81 20.34 -12.67
C GLU C 81 20.85 19.21 -13.03
N GLU C 82 21.31 17.97 -12.87
CA GLU C 82 20.49 16.80 -13.18
C GLU C 82 20.30 15.89 -11.97
N LEU C 83 20.86 16.31 -10.84
CA LEU C 83 20.65 15.60 -9.58
C LEU C 83 19.30 16.01 -8.99
N GLN C 84 18.56 15.03 -8.50
CA GLN C 84 17.20 15.27 -8.01
C GLN C 84 16.71 14.15 -7.11
N TRP C 85 16.10 14.53 -5.98
CA TRP C 85 15.45 13.57 -5.10
C TRP C 85 14.08 13.18 -5.66
N VAL C 86 13.86 11.88 -5.81
CA VAL C 86 12.60 11.38 -6.33
C VAL C 86 12.06 10.27 -5.43
N PHE C 87 10.77 10.35 -5.11
CA PHE C 87 10.12 9.35 -4.27
C PHE C 87 10.10 7.97 -4.92
N VAL C 88 10.36 6.95 -4.12
CA VAL C 88 10.26 5.57 -4.59
C VAL C 88 9.16 4.85 -3.81
N ASN C 89 8.19 4.30 -4.53
CA ASN C 89 7.13 3.52 -3.90
C ASN C 89 7.03 2.13 -4.51
N ALA C 90 7.45 1.13 -3.75
CA ALA C 90 7.45 -0.25 -4.24
C ALA C 90 7.43 -1.24 -3.10
N GLY C 91 6.76 -2.38 -3.32
CA GLY C 91 6.71 -3.45 -2.34
C GLY C 91 6.09 -3.06 -1.01
N GLY C 92 5.34 -1.98 -1.01
CA GLY C 92 4.66 -1.53 0.19
C GLY C 92 5.42 -0.48 0.96
N TRP C 93 6.73 -0.37 0.72
CA TRP C 93 7.55 0.62 1.41
C TRP C 93 7.71 1.90 0.60
N MET C 94 8.27 2.93 1.24
CA MET C 94 8.45 4.23 0.60
C MET C 94 9.74 4.91 1.04
N GLY C 95 10.55 5.31 0.06
CA GLY C 95 11.77 6.05 0.33
C GLY C 95 12.06 7.06 -0.76
N ALA C 96 13.18 7.76 -0.64
CA ALA C 96 13.59 8.72 -1.66
C ALA C 96 14.92 8.30 -2.28
N MET C 97 15.13 8.67 -3.54
CA MET C 97 16.32 8.26 -4.27
C MET C 97 16.95 9.42 -5.01
N CYS C 98 18.28 9.42 -5.11
CA CYS C 98 18.99 10.37 -5.94
C CYS C 98 20.03 9.64 -6.78
N LEU C 99 19.77 9.57 -8.08
CA LEU C 99 20.60 8.79 -9.00
C LEU C 99 21.89 9.52 -9.35
N LEU C 100 23.04 8.85 -9.17
CA LEU C 100 24.33 9.44 -9.50
C LEU C 100 24.87 8.90 -10.81
N HIS C 101 24.61 7.63 -11.08
CA HIS C 101 25.13 6.95 -12.25
C HIS C 101 24.13 5.89 -12.72
N ALA C 102 24.03 5.70 -14.03
CA ALA C 102 23.10 4.71 -14.56
C ALA C 102 23.45 4.29 -15.99
N SER C 103 23.77 3.02 -16.16
CA SER C 103 23.95 2.44 -17.48
C SER C 103 22.96 1.30 -17.66
N LEU C 104 23.29 0.36 -18.52
CA LEU C 104 22.43 -0.81 -18.70
C LEU C 104 22.81 -1.90 -17.71
N SER C 105 23.98 -1.75 -17.08
CA SER C 105 24.51 -2.79 -16.21
C SER C 105 24.81 -2.31 -14.78
N GLU C 106 24.99 -1.01 -14.62
CA GLU C 106 25.34 -0.45 -13.32
C GLU C 106 24.44 0.70 -12.91
N TYR C 107 24.35 0.94 -11.61
CA TYR C 107 23.78 2.20 -11.10
C TYR C 107 24.30 2.50 -9.70
N VAL C 108 24.54 3.79 -9.45
CA VAL C 108 24.89 4.28 -8.13
C VAL C 108 23.87 5.32 -7.70
N LEU C 109 23.20 5.10 -6.58
CA LEU C 109 22.25 6.08 -6.07
C LEU C 109 22.30 6.22 -4.56
N LEU C 110 21.73 7.32 -4.08
CA LEU C 110 21.55 7.55 -2.66
C LEU C 110 20.10 7.26 -2.31
N PHE C 111 19.87 6.50 -1.24
CA PHE C 111 18.52 6.10 -0.88
C PHE C 111 18.25 6.23 0.62
N GLY C 112 16.98 6.34 0.98
CA GLY C 112 16.60 6.35 2.38
C GLY C 112 15.21 6.88 2.67
N THR C 113 14.96 7.18 3.93
CA THR C 113 13.66 7.67 4.36
C THR C 113 13.76 8.44 5.68
N ALA C 114 13.06 9.56 5.76
CA ALA C 114 13.08 10.40 6.96
C ALA C 114 12.07 9.91 7.98
N LEU C 115 11.13 9.08 7.54
CA LEU C 115 10.06 8.60 8.42
C LEU C 115 10.28 7.16 8.86
N GLY C 116 10.92 6.38 8.00
CA GLY C 116 11.04 4.95 8.20
C GLY C 116 9.99 4.25 7.37
N SER C 117 10.20 2.96 7.09
CA SER C 117 9.27 2.22 6.25
C SER C 117 9.53 0.72 6.30
N ARG C 118 8.50 -0.05 5.96
CA ARG C 118 8.59 -1.51 5.94
C ARG C 118 7.93 -2.06 4.69
N GLY C 119 8.47 -3.15 4.15
CA GLY C 119 7.88 -3.77 2.98
C GLY C 119 8.65 -4.95 2.40
N HIS C 120 8.29 -5.28 1.17
CA HIS C 120 8.90 -6.37 0.41
C HIS C 120 10.19 -5.89 -0.26
N SER C 121 11.26 -6.65 -0.12
CA SER C 121 12.55 -6.28 -0.69
C SER C 121 12.48 -6.19 -2.21
N GLY C 122 11.66 -7.06 -2.80
CA GLY C 122 11.55 -7.16 -4.24
C GLY C 122 12.54 -8.18 -4.77
N ARG C 123 12.16 -8.88 -5.84
CA ARG C 123 13.10 -9.78 -6.51
C ARG C 123 13.60 -9.13 -7.78
N TYR C 124 14.92 -8.97 -7.86
CA TYR C 124 15.52 -8.30 -9.00
C TYR C 124 16.40 -9.23 -9.83
N TRP C 125 16.66 -8.82 -11.06
CA TRP C 125 17.67 -9.45 -11.90
C TRP C 125 19.00 -8.72 -11.73
N ALA C 126 19.36 -8.45 -10.47
CA ALA C 126 20.57 -7.70 -10.18
C ALA C 126 21.06 -7.95 -8.76
N GLU C 127 22.30 -7.54 -8.50
CA GLU C 127 22.86 -7.57 -7.15
C GLU C 127 22.87 -6.17 -6.57
N ILE C 128 22.21 -6.00 -5.43
CA ILE C 128 22.10 -4.69 -4.82
C ILE C 128 22.90 -4.62 -3.53
N SER C 129 23.79 -3.64 -3.42
CA SER C 129 24.62 -3.47 -2.24
C SER C 129 24.33 -2.13 -1.57
N ASP C 130 24.01 -2.16 -0.29
CA ASP C 130 23.70 -0.94 0.44
C ASP C 130 24.61 -0.75 1.65
N THR C 131 25.48 0.25 1.58
CA THR C 131 26.29 0.64 2.73
C THR C 131 25.56 1.73 3.50
N ILE C 132 25.39 1.53 4.80
CA ILE C 132 24.56 2.41 5.61
C ILE C 132 25.33 3.58 6.19
N ILE C 133 24.81 4.78 5.99
CA ILE C 133 25.40 5.99 6.53
C ILE C 133 24.77 6.35 7.88
N SER C 134 23.45 6.25 7.94
CA SER C 134 22.72 6.57 9.16
C SER C 134 21.49 5.70 9.30
N GLY C 135 20.90 5.70 10.49
CA GLY C 135 19.70 4.93 10.75
C GLY C 135 19.96 3.45 10.90
N THR C 136 18.95 2.64 10.59
CA THR C 136 19.06 1.19 10.70
C THR C 136 18.44 0.49 9.50
N PHE C 137 18.94 -0.70 9.20
CA PHE C 137 18.38 -1.53 8.16
C PHE C 137 18.05 -2.88 8.75
N HIS C 138 16.76 -3.23 8.76
CA HIS C 138 16.35 -4.53 9.26
C HIS C 138 16.03 -5.46 8.11
N GLN C 139 16.53 -6.69 8.20
CA GLN C 139 16.35 -7.66 7.13
C GLN C 139 15.76 -8.95 7.66
N TRP C 140 14.74 -9.46 6.98
CA TRP C 140 14.12 -10.73 7.33
C TRP C 140 14.17 -11.65 6.12
N ARG C 141 15.17 -12.53 6.08
CA ARG C 141 15.40 -13.40 4.94
C ARG C 141 14.30 -14.46 4.80
N GLU C 142 13.91 -14.73 3.55
CA GLU C 142 12.86 -15.70 3.24
C GLU C 142 13.21 -17.10 3.77
N GLY C 143 12.28 -17.68 4.50
CA GLY C 143 12.48 -19.02 5.06
C GLY C 143 12.98 -19.00 6.49
N THR C 144 13.34 -17.82 6.97
CA THR C 144 13.82 -17.65 8.34
C THR C 144 12.74 -17.05 9.23
N THR C 145 12.91 -17.20 10.54
CA THR C 145 11.95 -16.66 11.50
C THR C 145 12.61 -15.66 12.45
N LYS C 146 13.85 -15.29 12.10
CA LYS C 146 14.59 -14.28 12.86
C LYS C 146 15.05 -13.18 11.92
N SER C 147 15.23 -11.98 12.45
CA SER C 147 15.69 -10.86 11.65
C SER C 147 17.11 -10.45 12.01
N GLU C 148 17.80 -9.83 11.07
CA GLU C 148 19.12 -9.28 11.32
C GLU C 148 19.09 -7.77 11.15
N VAL C 149 19.98 -7.06 11.84
CA VAL C 149 20.01 -5.61 11.75
C VAL C 149 21.39 -5.13 11.31
N PHE C 150 21.42 -4.13 10.44
CA PHE C 150 22.68 -3.53 10.00
C PHE C 150 22.75 -2.08 10.42
N TYR C 151 23.90 -1.67 10.93
CA TYR C 151 24.07 -0.32 11.47
C TYR C 151 25.02 0.48 10.57
N PRO C 152 25.08 1.82 10.76
CA PRO C 152 25.94 2.70 9.96
C PRO C 152 27.38 2.22 9.83
N GLY C 153 27.90 2.25 8.61
CA GLY C 153 29.24 1.77 8.32
C GLY C 153 29.22 0.39 7.68
N GLU C 154 28.15 -0.37 7.93
CA GLU C 154 28.02 -1.72 7.42
C GLU C 154 27.35 -1.75 6.05
N THR C 155 27.63 -2.80 5.28
CA THR C 155 27.04 -2.98 3.96
C THR C 155 26.17 -4.23 3.93
N VAL C 156 24.94 -4.08 3.45
CA VAL C 156 24.04 -5.20 3.32
C VAL C 156 23.90 -5.57 1.84
N VAL C 157 23.93 -6.86 1.54
CA VAL C 157 23.91 -7.31 0.16
C VAL C 157 22.64 -8.08 -0.17
N HIS C 158 21.94 -7.62 -1.20
CA HIS C 158 20.73 -8.28 -1.66
C HIS C 158 21.00 -8.99 -2.98
N GLY C 159 21.17 -10.30 -2.89
CA GLY C 159 21.47 -11.11 -4.07
C GLY C 159 20.33 -11.20 -5.07
N PRO C 160 20.64 -11.51 -6.33
CA PRO C 160 19.60 -11.62 -7.35
C PRO C 160 18.66 -12.80 -7.08
N GLY C 161 17.36 -12.57 -7.27
CA GLY C 161 16.37 -13.61 -7.06
C GLY C 161 15.91 -13.71 -5.63
N GLU C 162 16.76 -13.24 -4.71
CA GLU C 162 16.44 -13.25 -3.29
C GLU C 162 15.30 -12.30 -2.98
N ALA C 163 14.42 -12.71 -2.06
CA ALA C 163 13.38 -11.84 -1.55
C ALA C 163 13.40 -11.83 -0.02
N THR C 164 13.43 -10.65 0.57
CA THR C 164 13.40 -10.53 2.03
C THR C 164 12.34 -9.52 2.47
N ALA C 165 12.09 -9.45 3.77
CA ALA C 165 11.27 -8.38 4.32
C ALA C 165 12.21 -7.32 4.90
N VAL C 166 12.01 -6.08 4.51
CA VAL C 166 12.92 -5.02 4.93
C VAL C 166 12.24 -3.96 5.79
N GLU C 167 12.97 -3.45 6.77
CA GLU C 167 12.48 -2.37 7.62
C GLU C 167 13.53 -1.30 7.86
N TRP C 168 13.23 -0.08 7.42
CA TRP C 168 14.11 1.06 7.71
C TRP C 168 13.61 1.82 8.92
N GLY C 169 14.50 2.07 9.87
CA GLY C 169 14.17 2.89 11.02
C GLY C 169 14.07 4.33 10.57
N PRO C 170 13.61 5.22 11.48
CA PRO C 170 13.52 6.64 11.16
C PRO C 170 14.90 7.24 10.83
N ASN C 171 14.95 8.07 9.79
CA ASN C 171 16.17 8.74 9.38
C ASN C 171 17.29 7.77 9.02
N THR C 172 17.00 6.86 8.09
CA THR C 172 17.99 5.91 7.59
C THR C 172 18.41 6.30 6.18
N TRP C 173 19.72 6.32 5.93
CA TRP C 173 20.24 6.69 4.62
C TRP C 173 21.39 5.80 4.20
N MET C 174 21.57 5.63 2.90
CA MET C 174 22.58 4.69 2.40
C MET C 174 23.06 5.01 1.00
N VAL C 175 24.26 4.54 0.67
CA VAL C 175 24.75 4.56 -0.71
C VAL C 175 24.51 3.19 -1.33
N GLU C 176 23.97 3.17 -2.54
CA GLU C 176 23.54 1.93 -3.13
C GLU C 176 24.14 1.69 -4.51
N TYR C 177 24.82 0.55 -4.66
CA TYR C 177 25.39 0.16 -5.94
C TYR C 177 24.73 -1.11 -6.45
N GLY C 178 24.18 -1.04 -7.66
CA GLY C 178 23.52 -2.17 -8.27
C GLY C 178 24.20 -2.63 -9.54
N ARG C 179 24.28 -3.94 -9.73
CA ARG C 179 24.87 -4.50 -10.93
C ARG C 179 23.99 -5.63 -11.47
N GLY C 180 23.47 -5.45 -12.68
CA GLY C 180 22.62 -6.44 -13.31
C GLY C 180 21.84 -5.87 -14.48
N VAL C 181 20.72 -6.49 -14.80
CA VAL C 181 19.84 -5.99 -15.85
C VAL C 181 19.04 -4.81 -15.31
N ILE C 182 19.65 -3.63 -15.30
CA ILE C 182 19.10 -2.46 -14.64
C ILE C 182 17.73 -1.98 -15.17
N PRO C 183 17.51 -2.01 -16.51
CA PRO C 183 16.18 -1.61 -16.97
C PRO C 183 15.03 -2.42 -16.37
N SER C 184 15.31 -3.65 -15.95
CA SER C 184 14.25 -4.51 -15.42
C SER C 184 13.88 -4.14 -13.98
N THR C 185 14.85 -3.63 -13.22
CA THR C 185 14.60 -3.23 -11.83
C THR C 185 13.61 -2.09 -11.74
N LEU C 186 13.49 -1.31 -12.81
CA LEU C 186 12.53 -0.20 -12.87
C LEU C 186 11.10 -0.69 -12.75
N ALA C 187 10.87 -1.91 -13.23
CA ALA C 187 9.53 -2.46 -13.30
C ALA C 187 8.91 -2.56 -11.92
N PHE C 188 9.72 -3.00 -10.96
CA PHE C 188 9.26 -3.19 -9.59
C PHE C 188 9.12 -1.86 -8.85
N ALA C 189 10.11 -0.98 -9.01
CA ALA C 189 10.18 0.28 -8.26
C ALA C 189 9.00 1.21 -8.55
N LEU C 190 8.29 0.96 -9.65
CA LEU C 190 7.18 1.79 -10.06
C LEU C 190 5.85 1.06 -9.98
N ALA C 191 5.87 -0.13 -9.40
CA ALA C 191 4.68 -0.96 -9.29
C ALA C 191 3.59 -0.29 -8.44
N ASP C 192 3.96 0.14 -7.24
CA ASP C 192 3.01 0.85 -6.37
C ASP C 192 2.64 2.21 -6.96
N THR C 193 3.56 2.79 -7.71
CA THR C 193 3.34 4.11 -8.32
C THR C 193 2.16 4.08 -9.29
N VAL C 194 1.93 2.92 -9.92
CA VAL C 194 0.83 2.78 -10.86
C VAL C 194 -0.48 2.38 -10.18
N PHE C 195 -0.39 1.46 -9.21
CA PHE C 195 -1.58 0.84 -8.63
C PHE C 195 -1.94 1.33 -7.23
N SER C 196 -1.06 2.10 -6.60
CA SER C 196 -1.30 2.55 -5.23
C SER C 196 -1.29 4.06 -5.10
N THR C 197 -0.19 4.69 -5.50
CA THR C 197 -0.03 6.13 -5.32
C THR C 197 -0.59 6.92 -6.51
N GLN C 198 -0.62 6.28 -7.68
CA GLN C 198 -1.06 6.94 -8.91
C GLN C 198 -0.29 8.24 -9.15
N ASP C 199 0.99 8.25 -8.76
CA ASP C 199 1.83 9.43 -8.84
C ASP C 199 2.62 9.42 -10.14
N PHE C 200 1.97 9.83 -11.23
CA PHE C 200 2.58 9.75 -12.55
C PHE C 200 3.61 10.85 -12.77
N LEU C 201 3.54 11.90 -11.98
CA LEU C 201 4.55 12.94 -12.01
C LEU C 201 5.89 12.36 -11.54
N THR C 202 5.83 11.54 -10.50
CA THR C 202 7.01 10.86 -9.97
C THR C 202 7.55 9.84 -10.97
N LEU C 203 6.63 9.12 -11.61
CA LEU C 203 6.98 8.16 -12.65
C LEU C 203 7.82 8.82 -13.74
N PHE C 204 7.40 10.01 -14.16
CA PHE C 204 8.10 10.78 -15.18
C PHE C 204 9.48 11.20 -14.70
N TYR C 205 9.53 11.69 -13.46
CA TYR C 205 10.79 12.10 -12.85
C TYR C 205 11.79 10.96 -12.86
N THR C 206 11.31 9.76 -12.51
CA THR C 206 12.16 8.58 -12.45
C THR C 206 12.70 8.21 -13.82
N LEU C 207 11.81 8.09 -14.80
CA LEU C 207 12.19 7.70 -16.15
C LEU C 207 13.14 8.73 -16.77
N ARG C 208 12.97 10.00 -16.41
CA ARG C 208 13.82 11.06 -16.94
C ARG C 208 15.23 10.99 -16.36
N SER C 209 15.33 10.75 -15.05
CA SER C 209 16.62 10.63 -14.39
C SER C 209 17.41 9.45 -14.93
N TYR C 210 16.70 8.41 -15.37
CA TYR C 210 17.34 7.27 -16.00
C TYR C 210 17.88 7.65 -17.38
N ALA C 211 17.06 8.36 -18.15
CA ALA C 211 17.44 8.80 -19.48
C ALA C 211 18.66 9.70 -19.42
N ARG C 212 18.69 10.57 -18.42
CA ARG C 212 19.81 11.47 -18.21
C ARG C 212 21.10 10.69 -17.94
N GLY C 213 20.98 9.62 -17.15
CA GLY C 213 22.12 8.78 -16.86
C GLY C 213 22.62 8.04 -18.09
N LEU C 214 21.68 7.57 -18.90
CA LEU C 214 22.02 6.88 -20.13
C LEU C 214 22.65 7.84 -21.14
N ARG C 215 22.12 9.06 -21.21
CA ARG C 215 22.66 10.08 -22.09
C ARG C 215 24.12 10.39 -21.75
N LEU C 216 24.40 10.52 -20.46
CA LEU C 216 25.75 10.86 -20.00
C LEU C 216 26.75 9.79 -20.39
N GLU C 217 26.42 8.54 -20.08
CA GLU C 217 27.30 7.42 -20.39
C GLU C 217 27.56 7.30 -21.88
N LEU C 218 26.54 7.59 -22.69
CA LEU C 218 26.65 7.50 -24.13
C LEU C 218 27.59 8.56 -24.69
N THR C 219 27.48 9.78 -24.18
CA THR C 219 28.30 10.90 -24.65
C THR C 219 29.76 10.71 -24.28
N THR C 220 30.03 10.36 -23.02
CA THR C 220 31.39 10.13 -22.55
C THR C 220 32.04 9.00 -23.34
N TYR C 221 31.23 8.04 -23.77
CA TYR C 221 31.70 6.92 -24.56
C TYR C 221 32.11 7.35 -25.97
N LEU C 222 31.34 8.27 -26.54
CA LEU C 222 31.52 8.72 -27.91
C LEU C 222 32.38 9.97 -28.02
N PHE C 223 32.31 10.81 -26.99
CA PHE C 223 32.93 12.14 -27.01
C PHE C 223 32.38 13.00 -28.14
CAA 61V D . -7.30 11.82 1.90
CAB 61V D . -6.88 13.02 2.72
CAD 61V D . -7.44 11.62 4.64
CAE 61V D . -8.77 11.68 3.95
CAF 61V D . -8.57 11.20 2.51
CAH 61V D . -10.90 10.83 1.90
CAJ 61V D . -12.00 11.24 1.17
CAK 61V D . -13.22 10.62 1.41
CAL 61V D . -14.35 11.00 0.70
CAM 61V D . -14.26 12.02 -0.25
CAN 61V D . -13.03 12.65 -0.48
CAO 61V D . -11.90 12.25 0.22
CAQ 61V D . -5.17 12.11 4.22
CAR 61V D . -4.21 13.07 3.95
CAS 61V D . -4.15 14.22 4.73
CAT 61V D . -3.19 15.19 4.47
CAU 61V D . -2.30 15.00 3.43
CAV 61V D . -2.36 13.85 2.66
CAW 61V D . -3.32 12.88 2.91
NAC 61V D . -6.53 12.66 4.10
NAG 61V D . -9.77 11.54 1.74
OAI 61V D . -10.99 9.85 2.65
IAP 61V D . -15.96 12.59 -1.30
S SO4 E . -29.97 5.96 1.49
O1 SO4 E . -28.67 5.46 1.93
O2 SO4 E . -31.03 5.18 2.12
O3 SO4 E . -30.10 7.36 1.88
O4 SO4 E . -30.07 5.84 0.04
S SO4 F . -11.64 31.24 2.09
O1 SO4 F . -12.51 30.07 2.27
O2 SO4 F . -10.36 31.00 2.75
O3 SO4 F . -12.28 32.41 2.70
O4 SO4 F . -11.44 31.48 0.67
S SO4 G . -6.99 11.52 23.78
O1 SO4 G . -5.77 11.01 23.16
O2 SO4 G . -6.75 11.72 25.21
O3 SO4 G . -7.37 12.79 23.18
O4 SO4 G . -8.07 10.55 23.61
CAA 61V H . -4.74 -13.61 5.74
CAB 61V H . -5.32 -14.36 6.93
CAD 61V H . -3.22 -15.47 7.33
CAE 61V H . -2.55 -14.69 6.21
CAF 61V H . -3.59 -14.40 5.14
CAH 61V H . -3.23 -16.40 3.79
CAJ 61V H . -3.74 -17.57 3.27
CAK 61V H . -5.10 -17.86 3.31
CAL 61V H . -5.55 -19.06 2.77
CAM 61V H . -4.66 -19.96 2.20
CAN 61V H . -3.29 -19.67 2.17
CAO 61V H . -2.84 -18.48 2.71
CAQ 61V H . -3.69 -13.44 8.52
CAR 61V H . -4.63 -12.70 9.22
CAS 61V H . -5.28 -13.26 10.32
CAT 61V H . -6.22 -12.52 11.03
CAU 61V H . -6.50 -11.22 10.64
CAV 61V H . -5.85 -10.66 9.55
CAW 61V H . -4.91 -11.40 8.84
NAC 61V H . -4.29 -14.67 7.95
NAG 61V H . -4.05 -15.67 4.54
OAI 61V H . -2.06 -16.09 3.54
IAP 61V H . -5.32 -21.76 1.38
S SO4 I . 4.84 -31.23 -5.73
O1 SO4 I . 6.26 -31.12 -6.09
O2 SO4 I . 4.73 -31.39 -4.28
O3 SO4 I . 4.14 -30.01 -6.14
O4 SO4 I . 4.26 -32.38 -6.40
S SO4 J . 11.48 -25.59 -5.27
O1 SO4 J . 12.10 -24.27 -5.12
O2 SO4 J . 11.90 -26.48 -4.20
O3 SO4 J . 11.88 -26.16 -6.56
O4 SO4 J . 10.02 -25.43 -5.24
S SO4 K . 4.15 0.38 8.26
O1 SO4 K . 5.14 1.20 7.58
O2 SO4 K . 4.66 -0.03 9.57
O3 SO4 K . 2.91 1.14 8.42
O4 SO4 K . 3.87 -0.81 7.46
S SO4 L . 7.19 -28.58 -8.94
O1 SO4 L . 6.38 -27.90 -7.95
O2 SO4 L . 7.67 -29.85 -8.39
O3 SO4 L . 8.34 -27.75 -9.29
O4 SO4 L . 6.40 -28.83 -10.13
C24 OLC M . -13.55 -33.81 1.76
C4 OLC M . -11.64 -30.60 -5.26
C3 OLC M . -12.06 -30.29 -3.86
C2 OLC M . -11.05 -30.78 -2.84
C21 OLC M . -12.48 -33.04 -0.34
C1 OLC M . -11.50 -32.07 -2.22
C22 OLC M . -12.42 -33.02 1.16
O19 OLC M . -11.99 -32.93 -2.90
O25 OLC M . -13.17 -34.11 3.08
O23 OLC M . -11.20 -33.59 1.57
O20 OLC M . -11.39 -32.29 -0.83
C24 OLC N . -16.21 -29.94 0.03
C3 OLC N . -17.43 -32.16 -6.57
C2 OLC N . -16.97 -30.85 -5.97
C21 OLC N . -16.35 -30.08 -2.44
C1 OLC N . -17.32 -30.74 -4.50
C22 OLC N . -15.91 -30.79 -1.18
O19 OLC N . -18.43 -30.42 -4.16
O25 OLC N . -15.71 -30.59 1.18
O23 OLC N . -16.60 -32.02 -1.08
O20 OLC N . -16.34 -31.00 -3.51
C24 OLC O . -19.23 -23.11 4.46
C5 OLC O . -15.43 -23.63 -4.44
C4 OLC O . -16.40 -23.10 -3.40
C3 OLC O . -16.61 -24.06 -2.24
C2 OLC O . -16.45 -23.38 -0.90
C21 OLC O . -18.35 -23.63 2.20
C1 OLC O . -17.19 -24.10 0.20
C22 OLC O . -18.08 -23.74 3.69
O19 OLC O . -17.86 -25.08 -0.07
O25 OLC O . -19.25 -23.65 5.75
O23 OLC O . -17.98 -25.09 4.06
O20 OLC O . -17.12 -23.65 1.53
C24 OLC P . -19.48 -19.03 9.02
C21 OLC P . -19.61 -18.33 6.65
C1 OLC P . -19.90 -18.05 4.33
C22 OLC P . -18.78 -19.09 7.66
O25 OLC P . -18.53 -19.30 10.02
O23 OLC P . -18.65 -20.42 7.26
O20 OLC P . -19.26 -18.77 5.36
C24 OLC Q . 7.96 -25.52 11.00
C2 OLC Q . 11.82 -25.76 7.54
C21 OLC Q . 8.61 -26.22 8.72
C1 OLC Q . 10.46 -26.35 7.26
C22 OLC Q . 7.97 -25.13 9.54
O19 OLC Q . 10.37 -27.43 6.71
O25 OLC Q . 8.35 -24.40 11.78
O23 OLC Q . 8.72 -23.94 9.38
O20 OLC Q . 9.30 -25.65 7.64
CAA 61V R . 14.99 -0.78 -5.15
CAB 61V R . 16.25 -0.94 -4.34
CAD 61V R . 16.25 1.29 -3.59
CAE 61V R . 15.00 1.66 -4.38
CAF 61V R . 14.75 0.68 -5.55
CAH 61V R . 15.06 2.08 -7.50
CAJ 61V R . 15.75 2.33 -8.67
CAK 61V R . 16.41 1.31 -9.34
CAL 61V R . 17.07 1.60 -10.53
CAM 61V R . 17.06 2.88 -11.04
CAN 61V R . 16.38 3.90 -10.38
CAO 61V R . 15.72 3.62 -9.19
CAQ 61V R . 17.15 -0.45 -2.13
CAR 61V R . 16.92 -1.72 -1.62
CAS 61V R . 17.95 -2.65 -1.59
CAT 61V R . 17.73 -3.93 -1.10
CAU 61V R . 16.47 -4.26 -0.62
CAV 61V R . 15.43 -3.34 -0.65
CAW 61V R . 15.66 -2.06 -1.14
NAC 61V R . 16.15 -0.10 -3.14
NAG 61V R . 15.48 1.03 -6.78
OAI 61V R . 14.12 2.79 -7.18
IAP 61V R . 18.05 3.32 -12.82
S SO4 S . 16.49 16.97 -19.95
O1 SO4 S . 17.46 16.57 -18.93
O2 SO4 S . 15.49 17.85 -19.35
O3 SO4 S . 15.84 15.81 -20.52
O4 SO4 S . 17.21 17.71 -21.00
S SO4 T . 34.42 -5.66 -8.85
O1 SO4 T . 34.53 -7.09 -9.09
O2 SO4 T . 34.84 -5.35 -7.48
O3 SO4 T . 33.03 -5.23 -9.03
O4 SO4 T . 35.26 -4.94 -9.80
S SO4 U . 22.48 12.42 10.78
O1 SO4 U . 21.51 11.61 11.49
O2 SO4 U . 23.37 13.07 11.74
O3 SO4 U . 21.79 13.44 9.99
O4 SO4 U . 23.26 11.57 9.89
S SO4 V . 38.71 12.77 5.05
O1 SO4 V . 40.11 12.53 5.39
O2 SO4 V . 38.16 13.79 5.94
O3 SO4 V . 37.95 11.53 5.21
O4 SO4 V . 38.63 13.24 3.67
S SO4 W . 12.29 20.56 -14.55
O1 SO4 W . 12.19 21.76 -13.74
O2 SO4 W . 12.27 19.39 -13.68
O3 SO4 W . 13.54 20.58 -15.30
O4 SO4 W . 11.16 20.49 -15.47
C24 OLC X . 26.78 -8.95 -9.79
C6 OLC X . 19.01 -13.44 -16.16
C5 OLC X . 20.17 -12.60 -15.66
C4 OLC X . 20.29 -12.63 -14.14
C3 OLC X . 21.14 -11.49 -13.62
C2 OLC X . 22.03 -11.90 -12.47
C21 OLC X . 24.69 -9.87 -10.77
C1 OLC X . 22.88 -10.74 -11.99
C22 OLC X . 26.20 -9.96 -10.77
O19 OLC X . 22.44 -9.61 -12.05
O25 OLC X . 28.16 -9.20 -9.67
O23 OLC X . 26.59 -11.26 -10.39
O20 OLC X . 24.17 -10.96 -11.49
C24 OLC Y . 29.54 6.28 13.30
C21 OLC Y . 30.73 4.26 14.09
C1 OLC Y . 30.98 2.32 15.41
C22 OLC Y . 29.83 4.82 13.01
O19 OLC Y . 30.25 1.78 16.22
O25 OLC Y . 28.21 6.54 12.94
O23 OLC Y . 30.48 4.71 11.76
O20 OLC Y . 30.44 2.90 14.25
#